data_5KOT
#
_entry.id   5KOT
#
_cell.length_a   139.317
_cell.length_b   139.317
_cell.length_c   139.317
_cell.angle_alpha   90.000
_cell.angle_beta   90.000
_cell.angle_gamma   90.000
#
_symmetry.space_group_name_H-M   'P 21 3'
#
loop_
_entity.id
_entity.type
_entity.pdbx_description
1 polymer Renin
2 non-polymer 2-acetamido-2-deoxy-beta-D-glucopyranose
3 non-polymer 1-(4-methoxybutyl)-~{N}-(2-methylpropyl)-~{N}-[(3~{S},5~{R})-5-morpholin-4-ylcarbonylpiperidin-3-yl]benzimidazole-2-carboxamide
4 non-polymer 'TRIETHYLENE GLYCOL'
5 non-polymer DI(HYDROXYETHYL)ETHER
6 non-polymer 'DIMETHYL SULFOXIDE'
7 water water
#
_entity_poly.entity_id   1
_entity_poly.type   'polypeptide(L)'
_entity_poly.pdbx_seq_one_letter_code
;GNTTSSVILTNYMDTQYYGEIGIGTPPQTFKVVFDTGSSNVWVPSSKCSRLYTACVYHKLFDASDSSSYKHNGTELTLRY
STGTVSGFLSQDIITVGGITVTQMFGEVTEMPALPFMLAEFDGVVGMGFIEQAIGRVTPIFDNIISQGVLKEDVFSFYYN
RDSENSQSLGGQIVLGGSDPQHYEGNFHYINLIKTGVWQIQMKGVSVGSSTLLCEDGCLALVDTGASYISGSTSSIEKLM
EALGAKKRLFDYVVKCNEGPTLPDISFHLGGKEYTLTSADYVFQESYSSKKLCTLAIHAMDIPPPTGPTWALGATFIRKF
YTEFDRRNNRIGFALAR
;
_entity_poly.pdbx_strand_id   A,B
#
# COMPACT_ATOMS: atom_id res chain seq x y z
N GLY A 1 19.67 -14.23 24.45
CA GLY A 1 20.73 -13.22 24.16
C GLY A 1 20.20 -11.80 24.07
N ASN A 2 20.94 -10.96 23.35
CA ASN A 2 20.53 -9.58 23.08
C ASN A 2 20.43 -9.21 21.60
N THR A 3 20.84 -10.10 20.70
CA THR A 3 20.94 -9.77 19.29
C THR A 3 19.56 -9.75 18.60
N THR A 4 19.37 -8.72 17.78
CA THR A 4 18.38 -8.72 16.73
C THR A 4 19.22 -8.70 15.47
N SER A 5 18.73 -9.35 14.42
CA SER A 5 19.39 -9.27 13.14
C SER A 5 18.35 -9.21 12.05
N SER A 6 18.74 -8.72 10.89
CA SER A 6 17.81 -8.57 9.78
C SER A 6 18.39 -9.13 8.50
N VAL A 7 17.48 -9.54 7.62
CA VAL A 7 17.79 -9.93 6.26
C VAL A 7 17.01 -8.97 5.37
N ILE A 8 17.74 -8.32 4.47
CA ILE A 8 17.16 -7.38 3.56
C ILE A 8 16.65 -8.19 2.38
N LEU A 9 15.45 -7.88 1.94
CA LEU A 9 14.82 -8.60 0.87
C LEU A 9 14.73 -7.73 -0.37
N THR A 10 14.78 -8.40 -1.50
CA THR A 10 14.41 -7.85 -2.79
C THR A 10 12.95 -8.23 -3.09
N ASN A 11 12.20 -7.29 -3.65
CA ASN A 11 10.84 -7.51 -4.12
C ASN A 11 10.89 -7.57 -5.64
N TYR A 12 10.72 -8.77 -6.20
CA TYR A 12 10.55 -8.93 -7.64
C TYR A 12 9.06 -8.87 -7.97
N MET A 13 8.64 -7.77 -8.57
CA MET A 13 7.29 -7.59 -9.14
C MET A 13 6.09 -7.86 -8.22
N ASP A 14 6.29 -7.67 -6.91
CA ASP A 14 5.26 -7.91 -5.91
C ASP A 14 4.89 -9.38 -5.76
N THR A 15 5.62 -10.28 -6.41
CA THR A 15 5.28 -11.68 -6.38
C THR A 15 6.34 -12.55 -5.75
N GLN A 16 7.59 -12.12 -5.74
CA GLN A 16 8.66 -12.93 -5.15
C GLN A 16 9.55 -12.05 -4.30
N TYR A 17 9.68 -12.43 -3.03
CA TYR A 17 10.44 -11.67 -2.07
C TYR A 17 11.50 -12.63 -1.59
N TYR A 18 12.74 -12.22 -1.73
CA TYR A 18 13.85 -13.09 -1.37
C TYR A 18 15.02 -12.31 -0.81
N GLY A 19 15.80 -12.99 0.02
CA GLY A 19 17.02 -12.41 0.58
C GLY A 19 18.19 -13.25 0.16
N GLU A 20 19.36 -12.91 0.68
CA GLU A 20 20.57 -13.63 0.37
C GLU A 20 21.09 -14.32 1.61
N ILE A 21 21.50 -15.57 1.44
CA ILE A 21 22.25 -16.27 2.46
C ILE A 21 23.59 -16.72 1.88
N GLY A 22 24.53 -16.99 2.78
CA GLY A 22 25.81 -17.60 2.44
C GLY A 22 25.77 -19.03 2.92
N ILE A 23 26.35 -19.94 2.13
CA ILE A 23 26.48 -21.34 2.52
C ILE A 23 27.91 -21.75 2.21
N GLY A 24 28.59 -22.33 3.20
CA GLY A 24 29.93 -22.86 3.01
C GLY A 24 31.02 -21.92 3.40
N THR A 25 32.24 -22.45 3.32
CA THR A 25 33.45 -21.71 3.53
C THR A 25 34.34 -21.87 2.31
N PRO A 26 34.64 -20.78 1.58
CA PRO A 26 34.04 -19.44 1.78
C PRO A 26 32.58 -19.41 1.38
N PRO A 27 31.83 -18.39 1.84
CA PRO A 27 30.40 -18.44 1.61
C PRO A 27 30.04 -18.34 0.12
N GLN A 28 29.22 -19.27 -0.33
CA GLN A 28 28.57 -19.24 -1.62
C GLN A 28 27.22 -18.60 -1.39
N THR A 29 26.87 -17.61 -2.20
CA THR A 29 25.69 -16.80 -1.95
C THR A 29 24.51 -17.33 -2.76
N PHE A 30 23.35 -17.37 -2.11
CA PHE A 30 22.11 -17.78 -2.74
C PHE A 30 21.01 -16.80 -2.44
N LYS A 31 20.13 -16.62 -3.43
CA LYS A 31 18.87 -15.94 -3.21
C LYS A 31 17.86 -16.93 -2.74
N VAL A 32 17.19 -16.62 -1.63
CA VAL A 32 16.26 -17.56 -1.03
C VAL A 32 14.98 -16.88 -0.56
N VAL A 33 13.90 -17.62 -0.69
CA VAL A 33 12.63 -17.23 -0.13
C VAL A 33 12.64 -17.71 1.30
N PHE A 34 12.21 -16.85 2.22
CA PHE A 34 12.00 -17.25 3.60
C PHE A 34 10.54 -17.62 3.76
N ASP A 35 10.31 -18.91 3.95
CA ASP A 35 9.00 -19.51 3.74
C ASP A 35 8.43 -20.08 5.05
N THR A 36 7.48 -19.37 5.66
CA THR A 36 6.80 -19.90 6.85
C THR A 36 5.88 -21.09 6.54
N GLY A 37 5.54 -21.27 5.25
CA GLY A 37 4.78 -22.44 4.84
C GLY A 37 5.53 -23.74 4.68
N SER A 38 6.84 -23.76 4.96
CA SER A 38 7.63 -24.99 4.89
C SER A 38 8.77 -24.88 5.90
N SER A 39 9.50 -25.97 6.09
CA SER A 39 10.47 -26.06 7.20
C SER A 39 11.88 -26.55 6.79
N ASN A 40 12.10 -26.80 5.50
CA ASN A 40 13.39 -27.27 5.01
C ASN A 40 14.15 -26.14 4.35
N VAL A 41 15.47 -26.19 4.45
CA VAL A 41 16.34 -25.34 3.67
C VAL A 41 16.79 -26.12 2.47
N TRP A 42 16.74 -25.52 1.29
CA TRP A 42 17.42 -26.10 0.15
C TRP A 42 17.90 -25.04 -0.80
N VAL A 43 18.94 -25.42 -1.55
CA VAL A 43 19.42 -24.66 -2.68
C VAL A 43 19.75 -25.68 -3.77
N PRO A 44 19.84 -25.21 -5.02
CA PRO A 44 20.27 -26.07 -6.12
C PRO A 44 21.70 -26.54 -5.92
N SER A 45 21.96 -27.76 -6.35
CA SER A 45 23.26 -28.42 -6.18
C SER A 45 24.05 -28.40 -7.46
N SER A 46 25.38 -28.32 -7.33
CA SER A 46 26.29 -28.60 -8.45
C SER A 46 26.08 -30.01 -9.04
N LYS A 47 25.54 -30.94 -8.24
CA LYS A 47 25.17 -32.29 -8.69
C LYS A 47 23.90 -32.37 -9.52
N CYS A 48 23.15 -31.26 -9.62
CA CYS A 48 21.99 -31.22 -10.47
C CYS A 48 22.37 -31.41 -11.94
N SER A 49 21.79 -32.41 -12.57
CA SER A 49 21.97 -32.61 -14.02
C SER A 49 21.61 -31.30 -14.73
N ARG A 50 22.43 -30.89 -15.70
CA ARG A 50 22.17 -29.64 -16.40
C ARG A 50 21.08 -29.74 -17.46
N LEU A 51 20.56 -30.95 -17.64
CA LEU A 51 19.30 -31.15 -18.35
C LEU A 51 18.12 -30.50 -17.65
N TYR A 52 18.25 -30.24 -16.34
CA TYR A 52 17.38 -29.30 -15.63
C TYR A 52 17.90 -27.89 -15.91
N THR A 53 17.23 -27.23 -16.83
CA THR A 53 17.59 -25.89 -17.23
C THR A 53 17.56 -24.91 -16.06
N ALA A 54 16.67 -25.15 -15.09
CA ALA A 54 16.64 -24.34 -13.88
C ALA A 54 17.95 -24.39 -13.09
N CYS A 55 18.69 -25.50 -13.18
CA CYS A 55 20.00 -25.59 -12.59
C CYS A 55 21.07 -24.91 -13.42
N VAL A 56 20.84 -24.76 -14.72
CA VAL A 56 21.71 -23.94 -15.56
C VAL A 56 21.59 -22.45 -15.19
N TYR A 57 20.38 -21.99 -14.89
CA TYR A 57 20.10 -20.57 -14.67
C TYR A 57 20.23 -20.12 -13.21
N HIS A 58 20.20 -21.04 -12.27
CA HIS A 58 20.32 -20.69 -10.87
C HIS A 58 21.70 -20.94 -10.35
N LYS A 59 21.94 -20.34 -9.20
CA LYS A 59 23.20 -20.54 -8.50
C LYS A 59 23.18 -21.92 -7.88
N LEU A 60 24.29 -22.63 -8.05
CA LEU A 60 24.43 -24.00 -7.59
C LEU A 60 25.39 -24.04 -6.39
N PHE A 61 25.03 -24.74 -5.33
CA PHE A 61 25.96 -25.00 -4.25
C PHE A 61 26.93 -26.08 -4.65
N ASP A 62 28.21 -25.75 -4.60
CA ASP A 62 29.26 -26.71 -4.84
C ASP A 62 29.95 -27.08 -3.52
N ALA A 63 29.59 -28.24 -3.00
CA ALA A 63 30.25 -28.81 -1.80
C ALA A 63 31.76 -28.91 -1.96
N SER A 64 32.21 -29.20 -3.19
CA SER A 64 33.62 -29.36 -3.44
C SER A 64 34.41 -28.02 -3.38
N ASP A 65 33.71 -26.88 -3.21
CA ASP A 65 34.34 -25.59 -2.95
C ASP A 65 34.20 -25.13 -1.51
N SER A 66 33.61 -25.95 -0.65
CA SER A 66 33.42 -25.60 0.76
C SER A 66 34.26 -26.47 1.69
N SER A 67 35.12 -25.81 2.47
CA SER A 67 35.94 -26.50 3.44
C SER A 67 35.18 -26.86 4.71
N SER A 68 33.97 -26.36 4.91
CA SER A 68 33.18 -26.63 6.10
C SER A 68 32.05 -27.63 5.83
N TYR A 69 31.97 -28.13 4.60
CA TYR A 69 30.97 -29.11 4.23
C TYR A 69 31.08 -30.41 5.03
N LYS A 70 29.92 -30.96 5.38
CA LYS A 70 29.84 -32.28 5.96
C LYS A 70 28.79 -33.06 5.19
N HIS A 71 29.26 -34.13 4.55
CA HIS A 71 28.42 -35.00 3.74
C HIS A 71 27.35 -35.69 4.59
N ASN A 72 26.14 -35.81 4.06
CA ASN A 72 25.18 -36.75 4.60
C ASN A 72 24.65 -37.67 3.51
N GLY A 73 24.02 -37.12 2.49
CA GLY A 73 23.62 -37.90 1.32
C GLY A 73 22.29 -38.61 1.39
N THR A 74 21.53 -38.43 2.48
CA THR A 74 20.16 -38.96 2.55
C THR A 74 19.33 -38.26 1.49
N GLU A 75 18.61 -39.04 0.70
CA GLU A 75 17.79 -38.48 -0.38
C GLU A 75 16.48 -37.97 0.19
N LEU A 76 16.06 -36.78 -0.21
CA LEU A 76 14.73 -36.29 0.16
C LEU A 76 14.08 -35.52 -0.97
N THR A 77 12.75 -35.59 -0.96
CA THR A 77 11.91 -34.90 -1.93
C THR A 77 11.02 -33.95 -1.15
N LEU A 78 10.98 -32.70 -1.61
CA LEU A 78 10.12 -31.67 -1.05
C LEU A 78 9.01 -31.38 -2.06
N ARG A 79 7.80 -31.75 -1.69
CA ARG A 79 6.62 -31.54 -2.51
C ARG A 79 5.92 -30.27 -2.04
N TYR A 80 6.06 -29.21 -2.82
CA TYR A 80 5.30 -28.00 -2.60
C TYR A 80 4.02 -28.08 -3.39
N SER A 81 3.09 -27.20 -3.07
CA SER A 81 1.84 -27.11 -3.80
C SER A 81 2.06 -26.65 -5.25
N THR A 82 3.19 -26.02 -5.53
CA THR A 82 3.49 -25.45 -6.83
C THR A 82 4.48 -26.30 -7.64
N GLY A 83 4.99 -27.38 -7.06
CA GLY A 83 6.06 -28.15 -7.70
C GLY A 83 6.93 -28.85 -6.69
N THR A 84 7.89 -29.60 -7.22
CA THR A 84 8.65 -30.53 -6.41
C THR A 84 10.13 -30.35 -6.70
N VAL A 85 10.93 -30.42 -5.66
CA VAL A 85 12.37 -30.56 -5.83
C VAL A 85 12.82 -31.81 -5.09
N SER A 86 13.88 -32.40 -5.59
CA SER A 86 14.47 -33.53 -4.95
C SER A 86 15.97 -33.41 -5.00
N GLY A 87 16.62 -34.10 -4.07
CA GLY A 87 18.04 -34.15 -3.97
C GLY A 87 18.43 -34.88 -2.71
N PHE A 88 19.44 -34.37 -2.02
CA PHE A 88 20.00 -35.07 -0.87
C PHE A 88 20.44 -34.10 0.17
N LEU A 89 20.63 -34.61 1.39
CA LEU A 89 20.98 -33.77 2.52
C LEU A 89 22.47 -33.56 2.65
N SER A 90 22.82 -32.34 3.03
CA SER A 90 24.18 -31.97 3.36
C SER A 90 24.16 -31.07 4.57
N GLN A 91 25.32 -30.89 5.18
CA GLN A 91 25.47 -29.95 6.25
C GLN A 91 26.60 -28.98 5.93
N ASP A 92 26.36 -27.72 6.24
CA ASP A 92 27.39 -26.72 6.14
C ASP A 92 27.02 -25.53 7.03
N ILE A 93 27.92 -24.56 7.07
CA ILE A 93 27.68 -23.31 7.75
C ILE A 93 26.83 -22.41 6.86
N ILE A 94 25.72 -21.91 7.39
CA ILE A 94 24.89 -20.95 6.68
C ILE A 94 24.97 -19.62 7.41
N THR A 95 25.23 -18.57 6.65
CA THR A 95 25.20 -17.21 7.14
C THR A 95 23.88 -16.60 6.69
N VAL A 96 23.12 -16.09 7.67
CA VAL A 96 21.85 -15.45 7.44
C VAL A 96 21.74 -14.24 8.36
N GLY A 97 21.67 -13.05 7.76
CA GLY A 97 21.73 -11.78 8.52
C GLY A 97 22.89 -11.69 9.50
N GLY A 98 24.09 -12.07 9.09
CA GLY A 98 25.24 -12.04 10.01
C GLY A 98 25.24 -13.03 11.18
N ILE A 99 24.29 -13.98 11.17
CA ILE A 99 24.27 -15.09 12.12
C ILE A 99 24.78 -16.30 11.36
N THR A 100 25.81 -16.97 11.90
CA THR A 100 26.29 -18.21 11.30
C THR A 100 25.75 -19.38 12.10
N VAL A 101 25.20 -20.36 11.39
CA VAL A 101 24.60 -21.54 12.00
C VAL A 101 25.00 -22.77 11.19
N THR A 102 25.30 -23.87 11.88
CA THR A 102 25.54 -25.15 11.22
C THR A 102 24.19 -25.76 10.93
N GLN A 103 23.88 -25.95 9.66
CA GLN A 103 22.55 -26.29 9.21
C GLN A 103 22.58 -27.46 8.25
N MET A 104 21.65 -28.38 8.46
CA MET A 104 21.39 -29.42 7.48
C MET A 104 20.40 -28.88 6.44
N PHE A 105 20.73 -29.04 5.17
CA PHE A 105 19.95 -28.49 4.09
C PHE A 105 19.97 -29.44 2.91
N GLY A 106 19.03 -29.21 1.99
CA GLY A 106 18.91 -29.98 0.77
C GLY A 106 19.76 -29.40 -0.33
N GLU A 107 20.56 -30.26 -0.95
CA GLU A 107 21.19 -30.00 -2.21
C GLU A 107 20.26 -30.55 -3.30
N VAL A 108 19.60 -29.65 -4.03
CA VAL A 108 18.59 -30.06 -5.02
C VAL A 108 19.27 -30.48 -6.32
N THR A 109 19.00 -31.72 -6.71
CA THR A 109 19.55 -32.27 -7.95
C THR A 109 18.49 -32.45 -9.03
N GLU A 110 17.23 -32.28 -8.68
CA GLU A 110 16.12 -32.40 -9.61
C GLU A 110 15.22 -31.22 -9.35
N MET A 111 15.15 -30.35 -10.35
CA MET A 111 14.57 -29.03 -10.22
C MET A 111 13.82 -28.71 -11.52
N PRO A 112 12.52 -29.09 -11.60
CA PRO A 112 11.74 -28.95 -12.83
C PRO A 112 11.68 -27.52 -13.38
N ALA A 113 11.86 -27.39 -14.67
CA ALA A 113 11.89 -26.08 -15.36
C ALA A 113 10.59 -25.29 -15.11
N LEU A 114 9.47 -25.97 -15.17
CA LEU A 114 8.22 -25.43 -14.68
C LEU A 114 8.00 -26.09 -13.31
N PRO A 115 7.99 -25.32 -12.22
CA PRO A 115 7.95 -23.84 -12.21
C PRO A 115 9.31 -23.13 -12.01
N PHE A 116 10.40 -23.84 -11.83
CA PHE A 116 11.56 -23.19 -11.25
C PHE A 116 12.36 -22.26 -12.17
N MET A 117 12.13 -22.33 -13.49
CA MET A 117 12.61 -21.30 -14.39
C MET A 117 11.93 -19.95 -14.20
N LEU A 118 10.81 -19.93 -13.48
CA LEU A 118 10.10 -18.73 -13.16
C LEU A 118 10.45 -18.20 -11.77
N ALA A 119 11.36 -18.86 -11.08
CA ALA A 119 11.84 -18.41 -9.78
C ALA A 119 13.05 -17.50 -9.98
N GLU A 120 12.94 -16.27 -9.50
CA GLU A 120 14.08 -15.37 -9.38
C GLU A 120 15.02 -15.85 -8.26
N PHE A 121 14.46 -16.47 -7.25
CA PHE A 121 15.22 -17.04 -6.13
C PHE A 121 15.86 -18.37 -6.56
N ASP A 122 16.93 -18.75 -5.87
CA ASP A 122 17.61 -20.03 -6.10
C ASP A 122 17.04 -21.15 -5.26
N GLY A 123 16.76 -20.85 -4.00
CA GLY A 123 16.23 -21.82 -3.06
C GLY A 123 15.31 -21.24 -2.00
N VAL A 124 15.13 -22.02 -0.94
CA VAL A 124 14.17 -21.73 0.10
C VAL A 124 14.77 -21.95 1.47
N VAL A 125 14.48 -21.04 2.38
CA VAL A 125 14.74 -21.22 3.79
C VAL A 125 13.38 -21.34 4.48
N GLY A 126 13.03 -22.56 4.86
CA GLY A 126 11.79 -22.84 5.58
C GLY A 126 11.80 -22.25 6.98
N MET A 127 10.76 -21.50 7.32
CA MET A 127 10.65 -20.83 8.61
C MET A 127 9.57 -21.47 9.46
N GLY A 128 9.13 -22.65 9.05
CA GLY A 128 8.11 -23.40 9.75
C GLY A 128 8.72 -24.25 10.82
N PHE A 129 7.91 -25.13 11.38
CA PHE A 129 8.27 -25.92 12.52
C PHE A 129 8.88 -27.25 12.10
N ILE A 130 9.65 -27.84 13.01
CA ILE A 130 10.29 -29.15 12.78
C ILE A 130 9.26 -30.24 12.47
N GLU A 131 8.06 -30.11 13.03
CA GLU A 131 6.94 -31.04 12.73
C GLU A 131 6.59 -31.15 11.23
N GLN A 132 6.86 -30.09 10.47
CA GLN A 132 6.62 -29.99 9.02
CA GLN A 132 6.59 -30.15 9.03
C GLN A 132 7.87 -30.32 8.21
N ALA A 133 9.00 -30.53 8.87
CA ALA A 133 10.27 -30.70 8.14
C ALA A 133 10.36 -32.09 7.56
N ILE A 134 10.55 -32.16 6.25
CA ILE A 134 10.76 -33.44 5.58
C ILE A 134 12.09 -33.99 6.11
N GLY A 135 12.06 -35.28 6.48
CA GLY A 135 13.21 -35.92 7.10
C GLY A 135 13.48 -35.48 8.53
N ARG A 136 12.53 -34.76 9.15
CA ARG A 136 12.68 -34.26 10.53
C ARG A 136 14.00 -33.50 10.73
N VAL A 137 14.43 -32.79 9.69
CA VAL A 137 15.66 -32.00 9.72
C VAL A 137 15.38 -30.74 10.54
N THR A 138 16.22 -30.47 11.54
CA THR A 138 16.08 -29.28 12.40
C THR A 138 16.05 -28.02 11.53
N PRO A 139 14.94 -27.25 11.59
CA PRO A 139 14.91 -26.05 10.76
C PRO A 139 15.90 -24.99 11.24
N ILE A 140 16.24 -24.08 10.35
CA ILE A 140 17.27 -23.09 10.66
C ILE A 140 16.93 -22.17 11.84
N PHE A 141 15.66 -21.77 11.99
CA PHE A 141 15.32 -20.88 13.10
C PHE A 141 15.46 -21.61 14.44
N ASP A 142 15.08 -22.88 14.50
CA ASP A 142 15.34 -23.71 15.69
C ASP A 142 16.84 -23.78 16.00
N ASN A 143 17.67 -23.96 14.97
CA ASN A 143 19.11 -23.96 15.20
C ASN A 143 19.64 -22.59 15.65
N ILE A 144 19.10 -21.51 15.09
CA ILE A 144 19.44 -20.16 15.55
C ILE A 144 19.00 -19.94 17.01
N ILE A 145 17.78 -20.35 17.36
CA ILE A 145 17.29 -20.28 18.75
C ILE A 145 18.23 -20.99 19.71
N SER A 146 18.69 -22.18 19.31
CA SER A 146 19.59 -22.99 20.15
C SER A 146 20.92 -22.31 20.51
N GLN A 147 21.34 -21.34 19.71
CA GLN A 147 22.55 -20.58 20.00
C GLN A 147 22.39 -19.53 21.10
N GLY A 148 21.16 -19.16 21.43
CA GLY A 148 20.89 -18.22 22.52
C GLY A 148 21.34 -16.78 22.25
N VAL A 149 21.40 -16.40 20.98
CA VAL A 149 21.84 -15.06 20.56
C VAL A 149 20.68 -14.07 20.39
N LEU A 150 19.52 -14.55 19.96
CA LEU A 150 18.37 -13.70 19.73
C LEU A 150 17.70 -13.28 21.04
N LYS A 151 17.29 -12.02 21.12
CA LYS A 151 16.64 -11.53 22.32
C LYS A 151 15.24 -12.13 22.50
N GLU A 152 14.58 -12.48 21.40
CA GLU A 152 13.31 -13.20 21.46
C GLU A 152 13.23 -14.33 20.46
N ASP A 153 12.42 -15.33 20.80
CA ASP A 153 12.14 -16.48 19.96
CA ASP A 153 12.17 -16.47 19.91
C ASP A 153 11.05 -16.10 18.94
N VAL A 154 11.34 -15.10 18.11
CA VAL A 154 10.36 -14.55 17.18
C VAL A 154 11.09 -14.05 15.95
N PHE A 155 10.38 -14.00 14.84
CA PHE A 155 10.89 -13.35 13.65
C PHE A 155 9.73 -12.64 12.95
N SER A 156 10.05 -11.60 12.18
CA SER A 156 9.03 -10.72 11.62
C SER A 156 9.30 -10.42 10.17
N PHE A 157 8.22 -10.25 9.41
CA PHE A 157 8.28 -10.02 7.97
C PHE A 157 7.65 -8.68 7.61
N TYR A 158 8.41 -7.90 6.86
CA TYR A 158 7.94 -6.74 6.15
C TYR A 158 8.16 -7.00 4.68
N TYR A 159 7.09 -6.94 3.89
CA TYR A 159 7.17 -7.00 2.44
C TYR A 159 6.71 -5.66 1.87
N ASN A 160 7.61 -4.96 1.20
CA ASN A 160 7.29 -3.64 0.66
C ASN A 160 6.32 -3.72 -0.52
N ARG A 161 5.51 -2.69 -0.64
CA ARG A 161 4.59 -2.54 -1.77
C ARG A 161 5.29 -2.03 -3.02
N ASP A 162 6.41 -1.33 -2.84
CA ASP A 162 7.24 -0.87 -3.96
C ASP A 162 8.16 -1.99 -4.47
N SER A 163 8.06 -2.27 -5.77
CA SER A 163 8.90 -3.27 -6.43
C SER A 163 9.72 -2.61 -7.52
N LEU A 169 14.13 -0.59 -0.63
CA LEU A 169 13.98 -1.73 0.27
C LEU A 169 12.79 -2.63 -0.12
N GLY A 170 13.06 -3.77 -0.75
CA GLY A 170 12.01 -4.73 -1.11
C GLY A 170 11.29 -5.35 0.07
N GLY A 171 12.01 -5.51 1.18
CA GLY A 171 11.44 -6.10 2.36
C GLY A 171 12.51 -6.34 3.41
N GLN A 172 12.08 -6.91 4.53
CA GLN A 172 12.95 -7.11 5.66
C GLN A 172 12.37 -8.18 6.56
N ILE A 173 13.23 -9.12 6.95
CA ILE A 173 12.91 -10.06 8.00
C ILE A 173 13.76 -9.69 9.18
N VAL A 174 13.15 -9.55 10.35
CA VAL A 174 13.89 -9.35 11.58
C VAL A 174 13.92 -10.68 12.32
N LEU A 175 15.11 -11.17 12.60
CA LEU A 175 15.31 -12.33 13.45
C LEU A 175 15.49 -11.83 14.86
N GLY A 176 14.59 -12.21 15.75
CA GLY A 176 14.70 -11.89 17.17
C GLY A 176 13.81 -10.76 17.64
N GLY A 177 12.94 -10.25 16.77
CA GLY A 177 12.06 -9.16 17.12
C GLY A 177 11.30 -8.65 15.92
N SER A 178 10.96 -7.36 16.00
CA SER A 178 10.27 -6.65 14.93
CA SER A 178 10.27 -6.65 14.94
C SER A 178 10.92 -5.29 14.74
N ASP A 179 10.58 -4.64 13.63
CA ASP A 179 11.14 -3.34 13.33
C ASP A 179 9.99 -2.32 13.32
N PRO A 180 9.90 -1.48 14.38
CA PRO A 180 8.91 -0.40 14.47
C PRO A 180 8.92 0.61 13.32
N GLN A 181 10.01 0.69 12.55
CA GLN A 181 10.03 1.51 11.33
C GLN A 181 9.07 1.04 10.24
N HIS A 182 8.69 -0.23 10.25
CA HIS A 182 7.85 -0.81 9.19
C HIS A 182 6.48 -1.25 9.63
N TYR A 183 6.06 -0.89 10.84
CA TYR A 183 4.69 -1.07 11.25
C TYR A 183 4.25 0.08 12.14
N GLU A 184 2.93 0.18 12.32
CA GLU A 184 2.40 1.17 13.21
C GLU A 184 1.20 0.65 13.95
N GLY A 185 0.90 1.30 15.05
CA GLY A 185 -0.12 0.84 15.98
C GLY A 185 0.31 -0.42 16.69
N ASN A 186 -0.66 -1.08 17.30
CA ASN A 186 -0.42 -2.28 18.09
C ASN A 186 -0.45 -3.52 17.24
N PHE A 187 0.26 -4.55 17.68
CA PHE A 187 0.08 -5.87 17.13
C PHE A 187 -1.22 -6.46 17.63
N HIS A 188 -1.93 -7.15 16.73
CA HIS A 188 -3.02 -8.02 17.10
C HIS A 188 -2.47 -9.44 17.05
N TYR A 189 -2.48 -10.12 18.20
CA TYR A 189 -1.89 -11.45 18.35
C TYR A 189 -2.97 -12.52 18.28
N ILE A 190 -2.74 -13.50 17.39
CA ILE A 190 -3.69 -14.59 17.17
C ILE A 190 -2.94 -15.90 17.45
N ASN A 191 -3.53 -16.75 18.28
CA ASN A 191 -2.91 -18.02 18.64
C ASN A 191 -3.00 -19.00 17.51
N LEU A 192 -1.98 -19.83 17.37
CA LEU A 192 -1.99 -20.92 16.40
C LEU A 192 -3.04 -21.95 16.81
N ILE A 193 -3.64 -22.61 15.82
CA ILE A 193 -4.52 -23.76 16.07
C ILE A 193 -3.74 -24.83 16.84
N LYS A 194 -2.48 -25.02 16.45
CA LYS A 194 -1.58 -25.98 17.07
C LYS A 194 -0.16 -25.59 16.76
N THR A 195 0.76 -25.96 17.65
CA THR A 195 2.19 -25.87 17.35
C THR A 195 2.49 -26.81 16.16
N GLY A 196 3.44 -26.43 15.32
CA GLY A 196 3.84 -27.26 14.18
C GLY A 196 3.47 -26.71 12.81
N VAL A 197 2.62 -25.69 12.79
CA VAL A 197 2.24 -25.05 11.53
C VAL A 197 1.82 -23.62 11.82
N TRP A 198 2.23 -22.69 10.96
CA TRP A 198 1.88 -21.27 11.11
C TRP A 198 0.47 -21.05 10.56
N GLN A 199 -0.51 -21.64 11.24
CA GLN A 199 -1.88 -21.69 10.79
C GLN A 199 -2.78 -21.24 11.92
N ILE A 200 -3.75 -20.40 11.58
CA ILE A 200 -4.67 -19.81 12.54
C ILE A 200 -6.10 -20.09 12.09
N GLN A 201 -7.02 -19.92 13.03
CA GLN A 201 -8.43 -20.06 12.72
C GLN A 201 -8.89 -18.83 11.96
N MET A 202 -9.73 -19.05 10.96
CA MET A 202 -10.42 -17.97 10.29
C MET A 202 -11.92 -18.22 10.43
N LYS A 203 -12.69 -17.17 10.62
CA LYS A 203 -14.14 -17.32 10.87
C LYS A 203 -14.95 -16.48 9.91
N GLY A 204 -14.56 -16.46 8.64
CA GLY A 204 -15.29 -15.69 7.64
C GLY A 204 -14.40 -15.06 6.62
N VAL A 205 -14.81 -15.19 5.36
CA VAL A 205 -14.25 -14.43 4.26
C VAL A 205 -15.43 -13.69 3.65
N SER A 206 -15.36 -12.37 3.67
CA SER A 206 -16.43 -11.51 3.23
C SER A 206 -16.03 -10.73 1.99
N VAL A 207 -16.99 -10.60 1.09
CA VAL A 207 -16.93 -9.68 -0.04
C VAL A 207 -17.91 -8.55 0.27
N GLY A 208 -17.40 -7.32 0.36
CA GLY A 208 -18.19 -6.21 0.91
C GLY A 208 -18.65 -6.52 2.32
N SER A 209 -19.94 -6.37 2.57
CA SER A 209 -20.55 -6.69 3.88
C SER A 209 -21.09 -8.13 3.97
N SER A 210 -20.89 -8.94 2.93
CA SER A 210 -21.47 -10.29 2.83
C SER A 210 -20.45 -11.39 3.12
N THR A 211 -20.60 -12.04 4.27
CA THR A 211 -19.74 -13.18 4.60
C THR A 211 -20.23 -14.42 3.85
N LEU A 212 -19.73 -14.59 2.62
CA LEU A 212 -20.18 -15.68 1.76
C LEU A 212 -19.28 -16.92 1.83
N LEU A 213 -18.17 -16.84 2.56
CA LEU A 213 -17.26 -17.99 2.70
C LEU A 213 -16.78 -18.16 4.12
N CYS A 214 -16.37 -19.40 4.43
CA CYS A 214 -15.80 -19.74 5.73
C CYS A 214 -16.74 -19.40 6.89
N GLU A 215 -18.04 -19.59 6.67
CA GLU A 215 -19.06 -19.23 7.64
C GLU A 215 -18.95 -20.09 8.89
N ASP A 216 -18.64 -21.37 8.72
CA ASP A 216 -18.50 -22.31 9.84
C ASP A 216 -17.08 -22.36 10.41
N GLY A 217 -16.19 -21.49 9.92
CA GLY A 217 -14.81 -21.52 10.30
C GLY A 217 -14.00 -22.29 9.28
N CYS A 218 -12.72 -21.98 9.23
CA CYS A 218 -11.79 -22.62 8.32
C CYS A 218 -10.38 -22.27 8.79
N LEU A 219 -9.38 -22.75 8.06
CA LEU A 219 -7.99 -22.53 8.41
C LEU A 219 -7.36 -21.50 7.50
N ALA A 220 -6.43 -20.74 8.05
CA ALA A 220 -5.61 -19.81 7.30
C ALA A 220 -4.14 -20.04 7.67
N LEU A 221 -3.37 -20.49 6.68
CA LEU A 221 -1.95 -20.61 6.83
C LEU A 221 -1.35 -19.24 6.50
N VAL A 222 -0.46 -18.73 7.34
CA VAL A 222 0.20 -17.45 7.05
C VAL A 222 1.52 -17.85 6.42
N ASP A 223 1.58 -17.69 5.08
CA ASP A 223 2.64 -18.25 4.23
C ASP A 223 3.46 -17.16 3.54
N THR A 224 4.59 -16.84 4.15
CA THR A 224 5.49 -15.80 3.66
C THR A 224 6.14 -16.21 2.35
N GLY A 225 6.16 -17.50 2.06
CA GLY A 225 6.69 -18.02 0.80
C GLY A 225 5.71 -18.09 -0.34
N ALA A 226 4.49 -17.61 -0.15
CA ALA A 226 3.48 -17.60 -1.21
C ALA A 226 3.27 -16.19 -1.73
N SER A 227 3.02 -16.06 -3.04
CA SER A 227 2.81 -14.76 -3.66
C SER A 227 1.46 -14.17 -3.31
N TYR A 228 0.44 -15.03 -3.29
CA TYR A 228 -0.94 -14.58 -3.35
C TYR A 228 -1.71 -15.00 -2.12
N ILE A 229 -2.96 -14.56 -2.05
CA ILE A 229 -3.92 -15.20 -1.19
C ILE A 229 -4.44 -16.42 -1.95
N SER A 230 -4.56 -17.54 -1.26
CA SER A 230 -5.19 -18.70 -1.86
C SER A 230 -6.18 -19.35 -0.92
N GLY A 231 -7.09 -20.10 -1.54
CA GLY A 231 -8.04 -20.94 -0.85
C GLY A 231 -8.25 -22.13 -1.74
N SER A 232 -9.11 -23.07 -1.30
CA SER A 232 -9.49 -24.21 -2.12
C SER A 232 -10.14 -23.75 -3.42
N THR A 233 -10.10 -24.64 -4.42
CA THR A 233 -10.72 -24.37 -5.71
C THR A 233 -12.19 -23.98 -5.54
N SER A 234 -12.94 -24.72 -4.72
CA SER A 234 -14.37 -24.44 -4.57
C SER A 234 -14.58 -23.11 -3.86
N SER A 235 -13.82 -22.84 -2.81
CA SER A 235 -13.84 -21.53 -2.14
C SER A 235 -13.52 -20.38 -3.08
N ILE A 236 -12.44 -20.52 -3.84
CA ILE A 236 -11.99 -19.46 -4.74
C ILE A 236 -12.95 -19.25 -5.91
N GLU A 237 -13.52 -20.33 -6.45
CA GLU A 237 -14.51 -20.21 -7.51
C GLU A 237 -15.73 -19.39 -7.05
N LYS A 238 -16.19 -19.63 -5.81
CA LYS A 238 -17.29 -18.87 -5.23
C LYS A 238 -16.91 -17.40 -5.06
N LEU A 239 -15.75 -17.17 -4.46
CA LEU A 239 -15.22 -15.82 -4.29
C LEU A 239 -15.15 -15.07 -5.63
N MET A 240 -14.64 -15.75 -6.66
CA MET A 240 -14.44 -15.12 -7.95
C MET A 240 -15.74 -14.89 -8.71
N GLU A 241 -16.70 -15.81 -8.53
CA GLU A 241 -18.06 -15.57 -8.99
C GLU A 241 -18.65 -14.32 -8.36
N ALA A 242 -18.42 -14.11 -7.07
CA ALA A 242 -18.88 -12.91 -6.38
C ALA A 242 -18.22 -11.63 -6.92
N LEU A 243 -16.93 -11.71 -7.25
CA LEU A 243 -16.20 -10.56 -7.84
C LEU A 243 -16.46 -10.33 -9.34
N GLY A 244 -17.07 -11.29 -10.03
CA GLY A 244 -17.26 -11.21 -11.49
C GLY A 244 -15.95 -11.40 -12.25
N ALA A 245 -15.06 -12.22 -11.71
CA ALA A 245 -13.74 -12.43 -12.29
C ALA A 245 -13.77 -13.65 -13.22
N LYS A 246 -12.95 -13.63 -14.27
CA LYS A 246 -12.84 -14.74 -15.22
C LYS A 246 -11.68 -15.65 -14.83
N LYS A 247 -11.92 -16.96 -14.84
CA LYS A 247 -10.91 -17.94 -14.55
C LYS A 247 -10.06 -18.17 -15.80
N ARG A 248 -8.75 -18.12 -15.65
CA ARG A 248 -7.84 -18.62 -16.68
C ARG A 248 -7.11 -19.88 -16.16
N LEU A 249 -6.12 -20.35 -16.91
CA LEU A 249 -5.35 -21.54 -16.53
C LEU A 249 -4.78 -21.44 -15.11
N PHE A 250 -4.07 -20.35 -14.81
CA PHE A 250 -3.33 -20.18 -13.55
C PHE A 250 -3.72 -18.98 -12.69
N ASP A 251 -4.58 -18.10 -13.19
CA ASP A 251 -4.96 -16.91 -12.47
C ASP A 251 -6.41 -16.58 -12.75
N TYR A 252 -6.95 -15.63 -11.99
CA TYR A 252 -8.22 -15.01 -12.30
C TYR A 252 -7.94 -13.59 -12.73
N VAL A 253 -8.80 -13.09 -13.61
CA VAL A 253 -8.69 -11.76 -14.15
C VAL A 253 -10.01 -11.04 -14.13
N VAL A 254 -9.93 -9.71 -14.17
CA VAL A 254 -11.06 -8.85 -14.50
C VAL A 254 -10.58 -7.92 -15.58
N LYS A 255 -11.54 -7.37 -16.34
CA LYS A 255 -11.27 -6.26 -17.21
C LYS A 255 -10.67 -5.16 -16.34
N CYS A 256 -9.56 -4.57 -16.80
CA CYS A 256 -8.80 -3.61 -15.98
C CYS A 256 -9.57 -2.40 -15.51
N ASN A 257 -10.47 -1.91 -16.37
CA ASN A 257 -11.40 -0.86 -15.99
C ASN A 257 -12.29 -1.18 -14.78
N GLU A 258 -12.60 -2.47 -14.57
CA GLU A 258 -13.43 -2.93 -13.45
C GLU A 258 -12.63 -3.08 -12.15
N GLY A 259 -11.29 -3.14 -12.26
CA GLY A 259 -10.43 -3.30 -11.10
C GLY A 259 -10.78 -2.40 -9.93
N PRO A 260 -10.82 -1.08 -10.14
CA PRO A 260 -11.17 -0.15 -9.06
C PRO A 260 -12.61 -0.25 -8.51
N THR A 261 -13.51 -0.89 -9.24
CA THR A 261 -14.89 -1.06 -8.79
C THR A 261 -15.05 -2.29 -7.88
N LEU A 262 -14.00 -3.09 -7.75
CA LEU A 262 -14.11 -4.36 -7.03
C LEU A 262 -14.26 -4.11 -5.52
N PRO A 263 -15.06 -4.95 -4.84
CA PRO A 263 -15.34 -4.74 -3.43
C PRO A 263 -14.18 -5.14 -2.55
N ASP A 264 -14.24 -4.72 -1.29
CA ASP A 264 -13.28 -5.14 -0.28
C ASP A 264 -13.48 -6.61 0.02
N ILE A 265 -12.39 -7.28 0.32
CA ILE A 265 -12.41 -8.64 0.77
C ILE A 265 -11.84 -8.64 2.17
N SER A 266 -12.59 -9.21 3.11
CA SER A 266 -12.17 -9.24 4.51
C SER A 266 -12.03 -10.65 5.02
N PHE A 267 -10.99 -10.85 5.83
CA PHE A 267 -10.69 -12.11 6.44
C PHE A 267 -10.87 -11.92 7.94
N HIS A 268 -11.78 -12.69 8.52
CA HIS A 268 -12.11 -12.58 9.92
C HIS A 268 -11.15 -13.44 10.73
N LEU A 269 -10.14 -12.78 11.30
CA LEU A 269 -9.04 -13.43 12.00
C LEU A 269 -8.95 -12.87 13.42
N GLY A 270 -9.00 -13.78 14.40
CA GLY A 270 -8.90 -13.43 15.83
C GLY A 270 -9.87 -12.36 16.29
N GLY A 271 -11.11 -12.43 15.82
CA GLY A 271 -12.13 -11.45 16.18
C GLY A 271 -12.08 -10.12 15.45
N LYS A 272 -11.23 -10.00 14.44
CA LYS A 272 -11.11 -8.77 13.66
C LYS A 272 -11.20 -9.03 12.16
N GLU A 273 -11.60 -7.99 11.44
CA GLU A 273 -11.80 -8.01 10.01
C GLU A 273 -10.51 -7.46 9.36
N TYR A 274 -9.73 -8.32 8.73
CA TYR A 274 -8.54 -7.91 7.96
C TYR A 274 -8.97 -7.69 6.52
N THR A 275 -9.02 -6.43 6.12
CA THR A 275 -9.69 -6.03 4.90
C THR A 275 -8.67 -5.64 3.85
N LEU A 276 -8.74 -6.32 2.69
CA LEU A 276 -8.02 -5.93 1.49
C LEU A 276 -8.97 -5.20 0.55
N THR A 277 -8.58 -4.02 0.11
CA THR A 277 -9.30 -3.32 -0.95
C THR A 277 -8.80 -3.81 -2.31
N SER A 278 -9.48 -3.38 -3.36
CA SER A 278 -9.07 -3.73 -4.74
C SER A 278 -7.63 -3.33 -5.03
N ALA A 279 -7.20 -2.20 -4.49
CA ALA A 279 -5.81 -1.76 -4.64
C ALA A 279 -4.82 -2.76 -4.05
N ASP A 280 -5.20 -3.49 -3.01
CA ASP A 280 -4.34 -4.50 -2.39
C ASP A 280 -4.31 -5.83 -3.15
N TYR A 281 -5.32 -6.13 -3.95
CA TYR A 281 -5.37 -7.44 -4.60
C TYR A 281 -5.49 -7.45 -6.11
N VAL A 282 -5.55 -6.29 -6.75
CA VAL A 282 -5.59 -6.23 -8.21
C VAL A 282 -4.25 -5.71 -8.71
N PHE A 283 -3.66 -6.42 -9.67
CA PHE A 283 -2.51 -5.90 -10.41
C PHE A 283 -3.07 -4.93 -11.44
N GLN A 284 -3.15 -3.67 -11.04
CA GLN A 284 -3.81 -2.63 -11.83
C GLN A 284 -2.82 -2.07 -12.86
N GLU A 285 -2.54 -2.85 -13.90
CA GLU A 285 -1.53 -2.51 -14.91
C GLU A 285 -2.05 -1.63 -16.03
N SER A 286 -3.35 -1.36 -16.02
CA SER A 286 -4.02 -0.56 -17.02
C SER A 286 -5.38 -0.17 -16.44
N TYR A 287 -6.07 0.77 -17.09
CA TYR A 287 -7.47 1.06 -16.80
C TYR A 287 -8.37 0.78 -18.01
N SER A 288 -7.81 0.13 -19.03
CA SER A 288 -8.54 -0.20 -20.24
C SER A 288 -9.59 -1.30 -20.03
N SER A 289 -10.76 -1.09 -20.64
CA SER A 289 -11.77 -2.16 -20.74
C SER A 289 -11.38 -3.29 -21.69
N LYS A 290 -10.33 -3.08 -22.48
CA LYS A 290 -9.83 -4.05 -23.46
C LYS A 290 -8.62 -4.86 -22.98
N LYS A 291 -8.09 -4.56 -21.80
CA LYS A 291 -7.00 -5.38 -21.21
C LYS A 291 -7.55 -6.12 -19.99
N LEU A 292 -6.86 -7.20 -19.61
CA LEU A 292 -7.22 -8.00 -18.45
C LEU A 292 -6.19 -7.76 -17.36
N CYS A 293 -6.66 -7.65 -16.12
CA CYS A 293 -5.81 -7.39 -14.98
C CYS A 293 -5.90 -8.58 -14.03
N THR A 294 -4.76 -9.08 -13.59
CA THR A 294 -4.72 -10.27 -12.74
C THR A 294 -5.01 -9.91 -11.30
N LEU A 295 -5.73 -10.80 -10.63
CA LEU A 295 -5.96 -10.71 -9.21
C LEU A 295 -4.90 -11.52 -8.45
N ALA A 296 -4.48 -10.99 -7.31
CA ALA A 296 -3.46 -11.64 -6.45
C ALA A 296 -4.12 -12.64 -5.49
N ILE A 297 -5.05 -13.41 -6.04
CA ILE A 297 -5.82 -14.40 -5.33
C ILE A 297 -6.06 -15.55 -6.33
N HIS A 298 -5.81 -16.77 -5.90
CA HIS A 298 -5.99 -17.95 -6.75
C HIS A 298 -6.24 -19.20 -5.93
N ALA A 299 -6.60 -20.28 -6.62
CA ALA A 299 -6.85 -21.57 -5.97
C ALA A 299 -5.53 -22.27 -5.66
N MET A 300 -5.37 -22.75 -4.44
CA MET A 300 -4.34 -23.73 -4.10
C MET A 300 -5.01 -24.78 -3.23
N ASP A 301 -5.09 -26.00 -3.76
CA ASP A 301 -5.65 -27.12 -3.03
C ASP A 301 -4.54 -27.83 -2.29
N ILE A 302 -4.56 -27.69 -0.97
CA ILE A 302 -3.52 -28.22 -0.12
C ILE A 302 -4.13 -29.41 0.60
N PRO A 303 -3.53 -30.60 0.44
CA PRO A 303 -4.14 -31.78 1.02
C PRO A 303 -4.01 -31.83 2.54
N PRO A 304 -4.83 -32.66 3.22
CA PRO A 304 -4.64 -32.85 4.66
C PRO A 304 -3.30 -33.51 5.00
N PRO A 305 -2.81 -33.37 6.23
CA PRO A 305 -3.48 -32.66 7.33
C PRO A 305 -3.42 -31.12 7.33
N THR A 306 -2.53 -30.50 6.54
CA THR A 306 -2.43 -29.03 6.52
C THR A 306 -3.70 -28.38 5.98
N GLY A 307 -4.25 -28.94 4.91
CA GLY A 307 -5.43 -28.41 4.26
C GLY A 307 -6.63 -29.35 4.31
N PRO A 308 -7.75 -28.99 3.65
CA PRO A 308 -7.91 -27.74 2.93
C PRO A 308 -7.71 -26.50 3.80
N THR A 309 -7.13 -25.45 3.22
CA THR A 309 -6.81 -24.26 3.96
C THR A 309 -6.67 -23.08 3.04
N TRP A 310 -7.00 -21.92 3.58
CA TRP A 310 -6.61 -20.67 2.95
C TRP A 310 -5.15 -20.45 3.30
N ALA A 311 -4.50 -19.63 2.49
CA ALA A 311 -3.13 -19.26 2.75
C ALA A 311 -3.00 -17.77 2.47
N LEU A 312 -2.41 -17.05 3.43
CA LEU A 312 -2.26 -15.62 3.32
C LEU A 312 -0.80 -15.35 2.99
N GLY A 313 -0.57 -15.04 1.71
CA GLY A 313 0.77 -14.84 1.17
C GLY A 313 1.14 -13.37 1.12
N ALA A 314 2.03 -13.05 0.19
CA ALA A 314 2.60 -11.69 0.11
C ALA A 314 1.54 -10.61 -0.06
N THR A 315 0.46 -10.92 -0.77
CA THR A 315 -0.67 -10.00 -0.91
C THR A 315 -1.19 -9.50 0.44
N PHE A 316 -1.30 -10.41 1.39
CA PHE A 316 -1.74 -10.09 2.72
C PHE A 316 -0.64 -9.38 3.53
N ILE A 317 0.57 -9.92 3.46
CA ILE A 317 1.68 -9.49 4.30
C ILE A 317 2.14 -8.08 3.93
N ARG A 318 1.99 -7.69 2.67
CA ARG A 318 2.25 -6.31 2.24
C ARG A 318 1.47 -5.29 3.06
N LYS A 319 0.24 -5.65 3.43
CA LYS A 319 -0.61 -4.76 4.21
C LYS A 319 -0.40 -4.94 5.69
N PHE A 320 -0.12 -6.17 6.10
CA PHE A 320 -0.04 -6.52 7.51
C PHE A 320 1.35 -7.06 7.84
N TYR A 321 2.16 -6.18 8.44
CA TYR A 321 3.43 -6.57 9.04
C TYR A 321 3.16 -7.73 9.98
N THR A 322 3.95 -8.80 9.83
CA THR A 322 3.65 -10.05 10.50
C THR A 322 4.81 -10.50 11.38
N GLU A 323 4.53 -10.66 12.66
CA GLU A 323 5.45 -11.24 13.61
C GLU A 323 5.07 -12.70 13.89
N PHE A 324 6.05 -13.57 13.77
CA PHE A 324 5.86 -15.00 14.01
C PHE A 324 6.53 -15.32 15.35
N ASP A 325 5.71 -15.71 16.33
CA ASP A 325 6.15 -15.82 17.71
C ASP A 325 6.19 -17.31 18.09
N ARG A 326 7.40 -17.85 18.11
CA ARG A 326 7.65 -19.22 18.52
C ARG A 326 7.57 -19.43 20.03
N ARG A 327 7.92 -18.41 20.81
CA ARG A 327 7.80 -18.48 22.27
C ARG A 327 6.36 -18.75 22.70
N ASN A 328 5.42 -18.02 22.10
CA ASN A 328 4.01 -18.09 22.49
C ASN A 328 3.08 -18.82 21.51
N ASN A 329 3.63 -19.38 20.43
CA ASN A 329 2.81 -20.04 19.37
C ASN A 329 1.66 -19.15 18.91
N ARG A 330 2.03 -17.99 18.39
CA ARG A 330 1.05 -17.02 17.94
C ARG A 330 1.66 -16.22 16.82
N ILE A 331 0.78 -15.57 16.08
CA ILE A 331 1.15 -14.68 15.01
C ILE A 331 0.59 -13.32 15.38
N GLY A 332 1.43 -12.29 15.24
CA GLY A 332 1.03 -10.92 15.47
C GLY A 332 0.91 -10.19 14.15
N PHE A 333 -0.19 -9.46 13.95
CA PHE A 333 -0.35 -8.58 12.79
C PHE A 333 -0.41 -7.14 13.22
N ALA A 334 0.31 -6.29 12.50
CA ALA A 334 0.20 -4.85 12.65
C ALA A 334 0.11 -4.23 11.26
N LEU A 335 -0.40 -3.00 11.18
CA LEU A 335 -0.46 -2.27 9.91
C LEU A 335 0.95 -1.97 9.44
N ALA A 336 1.30 -2.43 8.24
CA ALA A 336 2.61 -2.20 7.65
C ALA A 336 2.71 -0.75 7.16
N ARG A 337 3.91 -0.18 7.28
CA ARG A 337 4.22 1.10 6.65
C ARG A 337 5.62 1.11 6.03
N GLY B 1 3.87 13.29 22.98
CA GLY B 1 4.29 13.79 21.65
C GLY B 1 5.46 13.03 21.06
N ASN B 2 5.21 11.78 20.68
CA ASN B 2 6.27 10.88 20.23
C ASN B 2 5.90 9.88 19.12
N THR B 3 4.81 10.11 18.40
CA THR B 3 4.40 9.19 17.35
C THR B 3 4.14 9.91 16.04
N THR B 4 4.42 9.21 14.95
CA THR B 4 3.88 9.54 13.65
C THR B 4 2.92 8.41 13.26
N SER B 5 2.04 8.71 12.33
CA SER B 5 1.16 7.74 11.76
C SER B 5 1.17 7.97 10.27
N SER B 6 1.39 6.91 9.51
CA SER B 6 1.32 7.01 8.07
C SER B 6 0.10 6.28 7.54
N VAL B 7 -0.44 6.80 6.44
CA VAL B 7 -1.50 6.14 5.70
C VAL B 7 -1.02 6.02 4.26
N ILE B 8 -0.99 4.80 3.77
CA ILE B 8 -0.57 4.54 2.41
C ILE B 8 -1.74 4.94 1.50
N LEU B 9 -1.41 5.53 0.36
CA LEU B 9 -2.40 6.05 -0.55
C LEU B 9 -2.38 5.25 -1.84
N THR B 10 -3.57 5.07 -2.38
CA THR B 10 -3.75 4.56 -3.72
C THR B 10 -3.74 5.73 -4.68
N ASN B 11 -3.05 5.55 -5.80
CA ASN B 11 -3.08 6.51 -6.87
C ASN B 11 -3.97 5.96 -7.98
N TYR B 12 -5.14 6.56 -8.15
CA TYR B 12 -6.01 6.24 -9.28
C TYR B 12 -5.75 7.26 -10.39
N MET B 13 -5.13 6.79 -11.48
CA MET B 13 -5.00 7.54 -12.72
C MET B 13 -4.21 8.86 -12.65
N ASP B 14 -3.38 9.05 -11.63
CA ASP B 14 -2.74 10.36 -11.33
C ASP B 14 -3.73 11.51 -11.03
N THR B 15 -4.99 11.20 -10.79
CA THR B 15 -6.01 12.22 -10.54
C THR B 15 -6.68 12.09 -9.18
N GLN B 16 -6.65 10.90 -8.58
CA GLN B 16 -7.25 10.72 -7.28
C GLN B 16 -6.32 9.93 -6.40
N TYR B 17 -6.08 10.47 -5.21
CA TYR B 17 -5.20 9.85 -4.22
C TYR B 17 -6.01 9.72 -2.96
N TYR B 18 -6.07 8.50 -2.43
CA TYR B 18 -6.89 8.24 -1.26
C TYR B 18 -6.31 7.09 -0.47
N GLY B 19 -6.60 7.11 0.83
CA GLY B 19 -6.09 6.10 1.75
C GLY B 19 -7.26 5.53 2.52
N GLU B 20 -6.98 4.58 3.39
CA GLU B 20 -8.00 3.96 4.20
C GLU B 20 -8.05 4.53 5.61
N ILE B 21 -9.25 4.81 6.09
CA ILE B 21 -9.48 5.06 7.51
C ILE B 21 -10.47 4.02 8.00
N GLY B 22 -10.47 3.79 9.31
CA GLY B 22 -11.49 3.00 9.97
C GLY B 22 -12.44 3.94 10.71
N ILE B 23 -13.73 3.62 10.70
CA ILE B 23 -14.73 4.33 11.50
C ILE B 23 -15.55 3.27 12.26
N GLY B 24 -15.66 3.45 13.56
CA GLY B 24 -16.46 2.55 14.39
C GLY B 24 -15.64 1.51 15.12
N THR B 25 -16.32 0.78 16.00
CA THR B 25 -15.74 -0.32 16.76
C THR B 25 -16.64 -1.54 16.52
N PRO B 26 -16.18 -2.58 15.80
CA PRO B 26 -14.88 -2.61 15.11
C PRO B 26 -14.84 -1.65 13.90
N PRO B 27 -13.62 -1.35 13.39
CA PRO B 27 -13.48 -0.38 12.30
C PRO B 27 -14.12 -0.82 10.97
N GLN B 28 -14.98 0.04 10.41
CA GLN B 28 -15.46 -0.08 9.05
C GLN B 28 -14.55 0.77 8.17
N THR B 29 -14.02 0.18 7.10
CA THR B 29 -12.97 0.78 6.31
C THR B 29 -13.56 1.63 5.18
N PHE B 30 -12.96 2.79 4.93
CA PHE B 30 -13.38 3.65 3.82
C PHE B 30 -12.17 4.21 3.12
N LYS B 31 -12.29 4.35 1.81
CA LYS B 31 -11.28 5.01 1.02
C LYS B 31 -11.58 6.49 1.08
N VAL B 32 -10.61 7.29 1.51
CA VAL B 32 -10.85 8.72 1.68
C VAL B 32 -9.75 9.58 1.09
N VAL B 33 -10.15 10.73 0.56
CA VAL B 33 -9.22 11.75 0.12
C VAL B 33 -8.90 12.57 1.36
N PHE B 34 -7.61 12.78 1.61
CA PHE B 34 -7.17 13.68 2.66
C PHE B 34 -7.00 15.05 1.98
N ASP B 35 -7.86 15.99 2.35
CA ASP B 35 -8.15 17.17 1.54
C ASP B 35 -7.82 18.41 2.34
N THR B 36 -6.68 19.04 2.06
CA THR B 36 -6.33 20.29 2.73
C THR B 36 -7.23 21.46 2.33
N GLY B 37 -7.99 21.32 1.24
CA GLY B 37 -8.92 22.36 0.80
C GLY B 37 -10.28 22.40 1.47
N SER B 38 -10.53 21.50 2.42
CA SER B 38 -11.76 21.49 3.20
C SER B 38 -11.47 20.93 4.59
N SER B 39 -12.48 20.98 5.45
CA SER B 39 -12.27 20.71 6.87
C SER B 39 -13.25 19.74 7.48
N ASN B 40 -14.14 19.13 6.68
CA ASN B 40 -15.12 18.17 7.20
C ASN B 40 -14.71 16.75 6.84
N VAL B 41 -15.05 15.81 7.72
CA VAL B 41 -14.86 14.41 7.46
C VAL B 41 -16.23 13.89 7.12
N TRP B 42 -16.33 13.08 6.06
CA TRP B 42 -17.56 12.38 5.75
C TRP B 42 -17.31 11.12 4.97
N VAL B 43 -18.22 10.19 5.15
CA VAL B 43 -18.29 8.97 4.37
C VAL B 43 -19.76 8.74 4.01
N PRO B 44 -20.02 7.95 2.96
CA PRO B 44 -21.42 7.65 2.66
C PRO B 44 -22.07 6.83 3.78
N SER B 45 -23.36 7.07 4.00
CA SER B 45 -24.16 6.39 5.03
C SER B 45 -24.90 5.21 4.47
N SER B 46 -25.14 4.20 5.32
CA SER B 46 -26.11 3.16 5.01
C SER B 46 -27.54 3.72 4.83
N LYS B 47 -27.83 4.90 5.39
CA LYS B 47 -29.11 5.59 5.16
C LYS B 47 -29.19 6.29 3.79
N CYS B 48 -28.11 6.26 3.02
CA CYS B 48 -28.13 6.80 1.66
C CYS B 48 -28.96 5.93 0.72
N SER B 49 -29.97 6.54 0.10
CA SER B 49 -30.81 5.86 -0.90
C SER B 49 -29.97 5.18 -1.97
N ARG B 50 -30.36 3.96 -2.33
CA ARG B 50 -29.72 3.23 -3.41
C ARG B 50 -30.14 3.77 -4.79
N LEU B 51 -31.11 4.70 -4.81
CA LEU B 51 -31.40 5.48 -6.02
C LEU B 51 -30.31 6.49 -6.37
N TYR B 52 -29.44 6.79 -5.41
CA TYR B 52 -28.15 7.43 -5.69
C TYR B 52 -27.20 6.31 -6.10
N THR B 53 -26.85 6.26 -7.38
CA THR B 53 -25.93 5.24 -7.90
C THR B 53 -24.59 5.26 -7.18
N ALA B 54 -24.10 6.43 -6.77
CA ALA B 54 -22.88 6.53 -5.98
C ALA B 54 -22.96 5.75 -4.67
N CYS B 55 -24.13 5.72 -4.03
CA CYS B 55 -24.30 4.92 -2.81
C CYS B 55 -24.42 3.40 -3.03
N VAL B 56 -24.62 2.96 -4.27
CA VAL B 56 -24.50 1.55 -4.62
C VAL B 56 -23.03 1.15 -4.83
N TYR B 57 -22.24 2.03 -5.45
CA TYR B 57 -20.84 1.72 -5.82
C TYR B 57 -19.79 2.19 -4.81
N HIS B 58 -20.21 2.72 -3.65
CA HIS B 58 -19.27 3.09 -2.59
C HIS B 58 -19.60 2.38 -1.31
N LYS B 59 -18.61 2.29 -0.44
CA LYS B 59 -18.78 1.66 0.85
C LYS B 59 -19.60 2.58 1.76
N LEU B 60 -20.54 1.98 2.50
CA LEU B 60 -21.48 2.74 3.33
C LEU B 60 -21.24 2.47 4.79
N PHE B 61 -21.28 3.52 5.61
CA PHE B 61 -21.15 3.37 7.05
C PHE B 61 -22.48 2.95 7.67
N ASP B 62 -22.43 1.89 8.48
CA ASP B 62 -23.58 1.38 9.18
C ASP B 62 -23.35 1.59 10.69
N ALA B 63 -23.99 2.64 11.21
CA ALA B 63 -23.94 3.02 12.64
C ALA B 63 -24.34 1.91 13.61
N SER B 64 -25.30 1.08 13.22
CA SER B 64 -25.78 0.03 14.12
C SER B 64 -24.77 -1.09 14.30
N ASP B 65 -23.74 -1.15 13.45
CA ASP B 65 -22.65 -2.13 13.61
C ASP B 65 -21.45 -1.62 14.43
N SER B 66 -21.52 -0.40 14.99
CA SER B 66 -20.45 0.20 15.78
C SER B 66 -20.87 0.39 17.24
N SER B 67 -20.15 -0.24 18.17
CA SER B 67 -20.41 -0.08 19.60
C SER B 67 -19.96 1.28 20.18
N SER B 68 -19.14 2.03 19.44
CA SER B 68 -18.66 3.34 19.85
C SER B 68 -19.40 4.50 19.17
N TYR B 69 -20.41 4.20 18.37
CA TYR B 69 -21.19 5.24 17.68
C TYR B 69 -22.05 6.02 18.68
N LYS B 70 -22.03 7.35 18.58
CA LYS B 70 -22.95 8.22 19.30
C LYS B 70 -23.70 9.08 18.27
N HIS B 71 -25.03 9.07 18.39
CA HIS B 71 -25.93 9.78 17.50
C HIS B 71 -25.76 11.28 17.72
N ASN B 72 -25.78 12.06 16.65
CA ASN B 72 -25.96 13.50 16.73
C ASN B 72 -27.17 13.88 15.89
N GLY B 73 -27.06 13.69 14.57
CA GLY B 73 -28.19 13.86 13.65
C GLY B 73 -28.41 15.23 13.02
N THR B 74 -27.57 16.22 13.40
CA THR B 74 -27.64 17.55 12.78
C THR B 74 -27.31 17.44 11.29
N GLU B 75 -28.17 18.02 10.45
CA GLU B 75 -28.03 17.88 9.02
C GLU B 75 -27.10 18.95 8.47
N LEU B 76 -26.21 18.56 7.57
CA LEU B 76 -25.28 19.49 6.92
C LEU B 76 -25.09 19.16 5.45
N THR B 77 -25.05 20.22 4.64
CA THR B 77 -24.70 20.13 3.25
C THR B 77 -23.29 20.67 3.09
N LEU B 78 -22.48 19.98 2.30
CA LEU B 78 -21.12 20.40 1.97
C LEU B 78 -21.08 20.73 0.49
N ARG B 79 -20.95 22.02 0.19
CA ARG B 79 -20.87 22.49 -1.19
C ARG B 79 -19.41 22.66 -1.55
N TYR B 80 -18.82 21.64 -2.15
CA TYR B 80 -17.48 21.76 -2.69
C TYR B 80 -17.56 22.54 -3.98
N SER B 81 -16.41 23.00 -4.45
CA SER B 81 -16.33 23.67 -5.74
C SER B 81 -16.71 22.74 -6.90
N THR B 82 -16.64 21.43 -6.67
CA THR B 82 -16.83 20.41 -7.71
C THR B 82 -18.14 19.62 -7.59
N GLY B 83 -18.91 19.86 -6.53
CA GLY B 83 -20.11 19.07 -6.28
C GLY B 83 -20.57 19.18 -4.86
N THR B 84 -21.70 18.56 -4.57
CA THR B 84 -22.38 18.73 -3.29
C THR B 84 -22.80 17.40 -2.71
N VAL B 85 -22.53 17.23 -1.42
CA VAL B 85 -23.06 16.12 -0.64
C VAL B 85 -23.86 16.67 0.52
N SER B 86 -24.87 15.91 0.93
CA SER B 86 -25.67 16.23 2.11
C SER B 86 -25.81 15.00 2.98
N GLY B 87 -26.09 15.25 4.25
CA GLY B 87 -26.16 14.17 5.21
C GLY B 87 -26.36 14.69 6.60
N PHE B 88 -25.95 13.89 7.58
CA PHE B 88 -26.15 14.25 8.98
C PHE B 88 -24.89 13.94 9.74
N LEU B 89 -24.69 14.67 10.83
CA LEU B 89 -23.50 14.48 11.66
C LEU B 89 -23.66 13.31 12.61
N SER B 90 -22.56 12.59 12.78
CA SER B 90 -22.45 11.48 13.72
C SER B 90 -21.10 11.56 14.41
N GLN B 91 -20.97 10.83 15.50
CA GLN B 91 -19.73 10.74 16.23
C GLN B 91 -19.35 9.29 16.40
N ASP B 92 -18.10 9.00 16.07
CA ASP B 92 -17.52 7.69 16.32
C ASP B 92 -16.00 7.78 16.39
N ILE B 93 -15.36 6.66 16.72
CA ILE B 93 -13.92 6.59 16.76
C ILE B 93 -13.41 6.34 15.34
N ILE B 94 -12.52 7.22 14.88
CA ILE B 94 -11.88 7.07 13.58
C ILE B 94 -10.43 6.59 13.77
N THR B 95 -10.07 5.55 13.03
CA THR B 95 -8.72 4.99 13.02
C THR B 95 -8.01 5.51 11.76
N VAL B 96 -6.89 6.21 11.96
CA VAL B 96 -6.08 6.78 10.88
C VAL B 96 -4.66 6.27 11.12
N GLY B 97 -4.27 5.25 10.35
CA GLY B 97 -3.04 4.50 10.59
C GLY B 97 -3.00 3.95 12.00
N GLY B 98 -1.97 4.28 12.75
CA GLY B 98 -1.84 3.84 14.14
C GLY B 98 -2.52 4.69 15.19
N ILE B 99 -3.29 5.69 14.78
CA ILE B 99 -3.94 6.64 15.71
C ILE B 99 -5.46 6.44 15.67
N THR B 100 -6.09 6.54 16.83
CA THR B 100 -7.54 6.55 16.93
C THR B 100 -7.98 7.86 17.56
N VAL B 101 -9.07 8.42 17.07
CA VAL B 101 -9.57 9.70 17.55
C VAL B 101 -11.10 9.73 17.48
N THR B 102 -11.72 10.26 18.54
CA THR B 102 -13.15 10.48 18.56
C THR B 102 -13.43 11.69 17.70
N GLN B 103 -14.25 11.48 16.67
CA GLN B 103 -14.45 12.47 15.63
C GLN B 103 -15.92 12.60 15.29
N MET B 104 -16.33 13.85 15.06
CA MET B 104 -17.64 14.13 14.51
C MET B 104 -17.48 14.16 13.00
N PHE B 105 -18.30 13.39 12.31
CA PHE B 105 -18.20 13.25 10.87
C PHE B 105 -19.57 13.20 10.22
N GLY B 106 -19.60 13.41 8.91
CA GLY B 106 -20.82 13.37 8.13
C GLY B 106 -21.14 11.96 7.67
N GLU B 107 -22.37 11.54 7.89
CA GLU B 107 -22.92 10.35 7.26
C GLU B 107 -23.71 10.85 6.07
N VAL B 108 -23.18 10.64 4.88
CA VAL B 108 -23.73 11.26 3.67
C VAL B 108 -24.87 10.40 3.10
N THR B 109 -26.03 11.03 2.99
CA THR B 109 -27.26 10.42 2.45
C THR B 109 -27.65 10.92 1.07
N GLU B 110 -27.05 12.02 0.62
CA GLU B 110 -27.28 12.57 -0.71
CA GLU B 110 -27.28 12.56 -0.70
C GLU B 110 -25.93 12.69 -1.40
N MET B 111 -25.67 11.81 -2.36
CA MET B 111 -24.39 11.70 -3.02
C MET B 111 -24.61 11.63 -4.53
N PRO B 112 -24.75 12.80 -5.19
CA PRO B 112 -25.18 12.85 -6.59
C PRO B 112 -24.14 12.28 -7.55
N ALA B 113 -24.64 11.61 -8.58
CA ALA B 113 -23.81 10.93 -9.57
C ALA B 113 -22.81 11.89 -10.20
N LEU B 114 -23.25 13.11 -10.49
CA LEU B 114 -22.35 14.17 -10.88
C LEU B 114 -22.07 14.96 -9.60
N PRO B 115 -20.87 14.88 -9.02
CA PRO B 115 -19.68 14.25 -9.60
C PRO B 115 -19.29 12.89 -9.00
N PHE B 116 -20.02 12.39 -8.01
CA PHE B 116 -19.47 11.31 -7.16
C PHE B 116 -19.43 9.92 -7.77
N MET B 117 -20.10 9.71 -8.89
CA MET B 117 -19.84 8.51 -9.68
C MET B 117 -18.46 8.52 -10.38
N LEU B 118 -17.79 9.67 -10.40
CA LEU B 118 -16.38 9.78 -10.84
C LEU B 118 -15.36 9.43 -9.74
N ALA B 119 -15.81 9.41 -8.49
CA ALA B 119 -14.94 9.22 -7.34
C ALA B 119 -14.65 7.74 -7.05
N GLU B 120 -13.38 7.34 -7.07
CA GLU B 120 -12.97 6.01 -6.62
CA GLU B 120 -13.01 5.97 -6.62
C GLU B 120 -12.93 5.93 -5.10
N PHE B 121 -12.73 7.08 -4.48
CA PHE B 121 -12.81 7.23 -3.03
C PHE B 121 -14.27 7.21 -2.57
N ASP B 122 -14.46 6.80 -1.33
CA ASP B 122 -15.77 6.81 -0.68
C ASP B 122 -16.09 8.16 -0.08
N GLY B 123 -15.12 8.76 0.62
CA GLY B 123 -15.35 9.98 1.35
C GLY B 123 -14.13 10.88 1.46
N VAL B 124 -14.23 11.86 2.34
CA VAL B 124 -13.22 12.89 2.46
C VAL B 124 -12.87 13.06 3.92
N VAL B 125 -11.57 13.21 4.18
CA VAL B 125 -11.08 13.66 5.47
C VAL B 125 -10.49 15.06 5.25
N GLY B 126 -11.24 16.06 5.70
CA GLY B 126 -10.81 17.46 5.59
C GLY B 126 -9.62 17.74 6.48
N MET B 127 -8.55 18.29 5.91
CA MET B 127 -7.30 18.58 6.62
C MET B 127 -7.11 20.08 6.78
N GLY B 128 -8.17 20.84 6.51
CA GLY B 128 -8.17 22.29 6.65
C GLY B 128 -8.49 22.70 8.07
N PHE B 129 -8.69 24.00 8.24
CA PHE B 129 -8.87 24.60 9.55
C PHE B 129 -10.35 24.62 9.93
N ILE B 130 -10.62 24.74 11.23
CA ILE B 130 -11.99 24.85 11.72
C ILE B 130 -12.76 26.04 11.10
N GLU B 131 -12.04 27.12 10.74
CA GLU B 131 -12.65 28.28 10.08
C GLU B 131 -13.43 27.92 8.81
N GLN B 132 -12.99 26.88 8.10
CA GLN B 132 -13.67 26.40 6.90
C GLN B 132 -14.55 25.17 7.15
N ALA B 133 -14.72 24.75 8.40
CA ALA B 133 -15.52 23.56 8.71
C ALA B 133 -16.98 23.94 8.71
N ILE B 134 -17.78 23.28 7.88
CA ILE B 134 -19.22 23.54 7.86
C ILE B 134 -19.79 22.96 9.15
N GLY B 135 -20.72 23.70 9.75
CA GLY B 135 -21.23 23.40 11.09
C GLY B 135 -20.26 23.65 12.23
N ARG B 136 -19.12 24.31 11.94
CA ARG B 136 -18.06 24.54 12.94
C ARG B 136 -17.59 23.25 13.61
N VAL B 137 -17.62 22.15 12.87
CA VAL B 137 -17.28 20.84 13.41
C VAL B 137 -15.76 20.77 13.56
N THR B 138 -15.27 20.42 14.74
CA THR B 138 -13.83 20.35 15.00
C THR B 138 -13.21 19.38 14.01
N PRO B 139 -12.25 19.86 13.20
CA PRO B 139 -11.65 18.94 12.23
C PRO B 139 -10.80 17.84 12.87
N ILE B 140 -10.57 16.78 12.11
CA ILE B 140 -9.89 15.60 12.66
C ILE B 140 -8.48 15.91 13.13
N PHE B 141 -7.73 16.73 12.39
CA PHE B 141 -6.36 16.99 12.78
C PHE B 141 -6.30 17.82 14.05
N ASP B 142 -7.25 18.75 14.23
CA ASP B 142 -7.38 19.49 15.49
C ASP B 142 -7.63 18.56 16.68
N ASN B 143 -8.52 17.58 16.49
CA ASN B 143 -8.72 16.55 17.50
C ASN B 143 -7.49 15.69 17.75
N ILE B 144 -6.76 15.34 16.69
CA ILE B 144 -5.52 14.61 16.85
C ILE B 144 -4.46 15.45 17.58
N ILE B 145 -4.32 16.74 17.24
CA ILE B 145 -3.41 17.65 17.96
C ILE B 145 -3.70 17.63 19.46
N SER B 146 -4.98 17.76 19.83
CA SER B 146 -5.36 17.86 21.25
C SER B 146 -5.07 16.59 22.06
N GLN B 147 -4.84 15.45 21.40
CA GLN B 147 -4.39 14.25 22.11
C GLN B 147 -2.96 14.37 22.64
N GLY B 148 -2.13 15.18 21.98
CA GLY B 148 -0.74 15.36 22.39
C GLY B 148 0.11 14.13 22.12
N VAL B 149 -0.25 13.36 21.10
CA VAL B 149 0.47 12.13 20.74
C VAL B 149 1.50 12.38 19.61
N LEU B 150 1.23 13.35 18.74
CA LEU B 150 2.08 13.58 17.57
C LEU B 150 3.44 14.16 17.95
N LYS B 151 4.47 13.70 17.24
CA LYS B 151 5.82 14.25 17.40
C LYS B 151 5.84 15.75 17.10
N GLU B 152 5.13 16.15 16.04
CA GLU B 152 4.98 17.55 15.66
C GLU B 152 3.57 17.78 15.15
N ASP B 153 3.05 19.00 15.32
CA ASP B 153 1.74 19.35 14.77
C ASP B 153 1.80 19.66 13.27
N VAL B 154 2.25 18.68 12.51
CA VAL B 154 2.38 18.78 11.07
C VAL B 154 1.83 17.51 10.46
N PHE B 155 1.50 17.58 9.17
CA PHE B 155 1.25 16.40 8.39
C PHE B 155 1.77 16.60 6.98
N SER B 156 2.03 15.49 6.30
CA SER B 156 2.81 15.50 5.08
C SER B 156 2.21 14.63 4.02
N PHE B 157 2.36 15.06 2.77
CA PHE B 157 1.84 14.36 1.60
C PHE B 157 2.94 14.01 0.63
N TYR B 158 2.97 12.73 0.26
CA TYR B 158 3.71 12.24 -0.88
C TYR B 158 2.70 11.68 -1.85
N TYR B 159 2.66 12.22 -3.07
CA TYR B 159 1.90 11.64 -4.17
C TYR B 159 2.85 11.14 -5.23
N ASN B 160 2.77 9.86 -5.56
CA ASN B 160 3.61 9.27 -6.60
C ASN B 160 2.95 9.50 -7.97
N ARG B 161 3.72 9.38 -9.05
CA ARG B 161 3.20 9.25 -10.41
C ARG B 161 3.04 7.77 -10.76
N ASP B 162 2.59 7.45 -11.98
CA ASP B 162 2.38 6.04 -12.51
C ASP B 162 0.98 5.55 -12.20
N SER B 163 0.56 4.53 -12.94
CA SER B 163 -0.70 3.78 -12.71
C SER B 163 -1.19 3.14 -14.02
N SER B 168 3.78 0.34 -8.32
CA SER B 168 4.44 1.27 -7.42
C SER B 168 3.45 1.98 -6.49
N LEU B 169 3.77 1.96 -5.19
CA LEU B 169 3.15 2.78 -4.13
C LEU B 169 2.47 4.10 -4.60
N GLY B 170 1.19 4.27 -4.32
CA GLY B 170 0.43 5.44 -4.81
C GLY B 170 0.80 6.75 -4.15
N GLY B 171 1.06 6.67 -2.85
CA GLY B 171 1.43 7.84 -2.09
C GLY B 171 1.43 7.51 -0.62
N GLN B 172 1.65 8.54 0.19
CA GLN B 172 1.68 8.40 1.62
C GLN B 172 1.37 9.72 2.29
N ILE B 173 0.51 9.68 3.30
CA ILE B 173 0.35 10.81 4.21
C ILE B 173 0.97 10.41 5.55
N VAL B 174 1.75 11.32 6.13
CA VAL B 174 2.30 11.15 7.46
C VAL B 174 1.66 12.20 8.37
N LEU B 175 1.02 11.73 9.42
CA LEU B 175 0.57 12.60 10.53
C LEU B 175 1.67 12.65 11.57
N GLY B 176 2.12 13.86 11.91
CA GLY B 176 3.14 14.04 12.96
C GLY B 176 4.55 14.26 12.47
N GLY B 177 4.76 14.25 11.16
CA GLY B 177 6.10 14.41 10.60
C GLY B 177 6.13 14.26 9.10
N SER B 178 7.31 13.92 8.59
CA SER B 178 7.52 13.71 7.17
CA SER B 178 7.53 13.72 7.16
C SER B 178 8.36 12.46 6.97
N ASP B 179 8.27 11.87 5.77
CA ASP B 179 9.00 10.66 5.46
C ASP B 179 10.17 11.00 4.53
N PRO B 180 11.41 11.02 5.08
CA PRO B 180 12.57 11.37 4.26
C PRO B 180 12.90 10.40 3.11
N GLN B 181 12.34 9.18 3.15
CA GLN B 181 12.40 8.26 2.01
C GLN B 181 11.76 8.84 0.75
N HIS B 182 10.82 9.79 0.92
CA HIS B 182 10.08 10.33 -0.20
C HIS B 182 10.37 11.77 -0.59
N TYR B 183 11.45 12.34 -0.08
CA TYR B 183 11.92 13.63 -0.60
C TYR B 183 13.43 13.77 -0.53
N GLU B 184 13.93 14.74 -1.29
CA GLU B 184 15.36 15.00 -1.40
C GLU B 184 15.62 16.39 -0.88
N GLY B 185 16.74 16.55 -0.20
CA GLY B 185 17.14 17.82 0.36
C GLY B 185 16.22 18.17 1.51
N ASN B 186 16.09 19.46 1.74
CA ASN B 186 15.41 19.96 2.93
C ASN B 186 14.22 20.79 2.56
N PHE B 187 13.28 20.87 3.47
CA PHE B 187 12.11 21.70 3.28
C PHE B 187 12.46 23.18 3.22
N HIS B 188 11.81 23.87 2.31
CA HIS B 188 11.68 25.30 2.38
C HIS B 188 10.20 25.58 2.61
N TYR B 189 9.93 26.45 3.57
CA TYR B 189 8.57 26.72 4.02
C TYR B 189 8.07 28.08 3.56
N ILE B 190 6.78 28.16 3.28
CA ILE B 190 6.13 29.42 2.92
C ILE B 190 5.02 29.65 3.94
N ASN B 191 5.01 30.83 4.54
CA ASN B 191 4.02 31.17 5.56
C ASN B 191 2.65 31.38 4.92
N LEU B 192 1.60 30.92 5.60
CA LEU B 192 0.23 31.23 5.21
C LEU B 192 0.00 32.73 5.27
N ILE B 193 -0.83 33.24 4.36
CA ILE B 193 -1.25 34.63 4.36
C ILE B 193 -2.07 34.91 5.60
N LYS B 194 -2.90 33.95 5.97
CA LYS B 194 -3.63 34.03 7.23
C LYS B 194 -3.99 32.64 7.73
N THR B 195 -4.22 32.55 9.04
CA THR B 195 -4.73 31.29 9.58
C THR B 195 -6.13 31.04 9.01
N GLY B 196 -6.55 29.78 8.98
CA GLY B 196 -7.89 29.40 8.55
C GLY B 196 -8.01 28.76 7.18
N VAL B 197 -6.95 28.82 6.38
CA VAL B 197 -6.96 28.27 5.03
C VAL B 197 -5.53 28.03 4.58
N TRP B 198 -5.30 26.90 3.91
CA TRP B 198 -3.95 26.52 3.50
C TRP B 198 -3.59 27.27 2.21
N GLN B 199 -3.43 28.58 2.33
CA GLN B 199 -3.26 29.45 1.19
C GLN B 199 -2.04 30.35 1.39
N ILE B 200 -1.22 30.44 0.34
CA ILE B 200 0.04 31.19 0.42
C ILE B 200 0.07 32.21 -0.69
N GLN B 201 0.95 33.19 -0.56
CA GLN B 201 1.14 34.16 -1.60
C GLN B 201 2.04 33.57 -2.68
N MET B 202 1.67 33.78 -3.93
CA MET B 202 2.52 33.46 -5.07
C MET B 202 2.90 34.78 -5.74
N LYS B 203 4.15 34.89 -6.18
CA LYS B 203 4.68 36.14 -6.75
C LYS B 203 5.17 35.94 -8.17
N GLY B 204 4.47 35.13 -8.96
CA GLY B 204 4.83 34.89 -10.35
C GLY B 204 4.60 33.48 -10.80
N VAL B 205 3.97 33.35 -11.98
CA VAL B 205 3.93 32.10 -12.68
C VAL B 205 4.68 32.36 -13.99
N SER B 206 5.81 31.68 -14.14
CA SER B 206 6.66 31.86 -15.30
C SER B 206 6.53 30.69 -16.25
N VAL B 207 6.54 31.01 -17.54
CA VAL B 207 6.57 30.04 -18.60
C VAL B 207 7.96 30.19 -19.21
N GLY B 208 8.82 29.21 -18.95
CA GLY B 208 10.25 29.37 -19.20
C GLY B 208 10.82 30.47 -18.31
N SER B 209 11.62 31.36 -18.90
CA SER B 209 12.27 32.45 -18.17
C SER B 209 11.38 33.70 -17.97
N SER B 210 10.26 33.82 -18.69
CA SER B 210 9.41 35.01 -18.62
C SER B 210 8.18 34.80 -17.73
N THR B 211 7.96 35.77 -16.83
CA THR B 211 6.84 35.73 -15.89
C THR B 211 5.61 36.39 -16.50
N LEU B 212 4.73 35.56 -17.03
CA LEU B 212 3.55 36.01 -17.73
C LEU B 212 2.42 36.38 -16.78
N LEU B 213 2.33 35.66 -15.66
CA LEU B 213 1.15 35.73 -14.80
C LEU B 213 1.53 35.98 -13.37
N CYS B 214 0.57 36.51 -12.61
CA CYS B 214 0.75 36.77 -11.20
C CYS B 214 1.95 37.69 -10.95
N GLU B 215 2.19 38.63 -11.87
CA GLU B 215 3.29 39.57 -11.76
C GLU B 215 3.13 40.44 -10.52
N ASP B 216 1.89 40.85 -10.26
CA ASP B 216 1.54 41.66 -9.08
C ASP B 216 1.22 40.84 -7.84
N GLY B 217 1.49 39.54 -7.86
CA GLY B 217 1.16 38.64 -6.76
C GLY B 217 -0.24 38.07 -6.87
N CYS B 218 -0.42 36.89 -6.30
CA CYS B 218 -1.71 36.19 -6.30
C CYS B 218 -1.75 35.17 -5.15
N LEU B 219 -2.89 34.50 -5.01
CA LEU B 219 -3.10 33.47 -3.99
C LEU B 219 -2.84 32.11 -4.60
N ALA B 220 -2.32 31.20 -3.79
CA ALA B 220 -2.23 29.80 -4.15
C ALA B 220 -2.72 28.97 -2.98
N LEU B 221 -3.84 28.29 -3.20
CA LEU B 221 -4.33 27.26 -2.28
C LEU B 221 -3.54 25.99 -2.53
N VAL B 222 -2.95 25.40 -1.49
CA VAL B 222 -2.26 24.14 -1.63
C VAL B 222 -3.27 23.08 -1.26
N ASP B 223 -3.92 22.51 -2.27
CA ASP B 223 -5.11 21.69 -2.10
C ASP B 223 -4.80 20.24 -2.43
N THR B 224 -4.60 19.44 -1.38
CA THR B 224 -4.23 18.04 -1.56
C THR B 224 -5.38 17.18 -2.08
N GLY B 225 -6.61 17.68 -1.93
CA GLY B 225 -7.80 17.07 -2.49
C GLY B 225 -8.15 17.45 -3.92
N ALA B 226 -7.31 18.23 -4.58
CA ALA B 226 -7.51 18.64 -5.97
C ALA B 226 -6.60 17.82 -6.90
N SER B 227 -7.12 17.43 -8.05
CA SER B 227 -6.32 16.63 -9.01
C SER B 227 -5.19 17.43 -9.66
N TYR B 228 -5.43 18.71 -9.92
CA TYR B 228 -4.64 19.48 -10.85
C TYR B 228 -4.13 20.77 -10.25
N ILE B 229 -3.26 21.42 -11.00
CA ILE B 229 -2.98 22.82 -10.79
C ILE B 229 -4.09 23.57 -11.48
N SER B 230 -4.70 24.52 -10.78
CA SER B 230 -5.71 25.36 -11.39
C SER B 230 -5.47 26.83 -11.15
N GLY B 231 -5.97 27.64 -12.06
CA GLY B 231 -6.02 29.10 -11.94
C GLY B 231 -7.35 29.56 -12.46
N SER B 232 -7.58 30.88 -12.38
CA SER B 232 -8.75 31.48 -12.99
C SER B 232 -8.80 31.18 -14.48
N THR B 233 -9.99 31.30 -15.05
CA THR B 233 -10.17 31.08 -16.48
C THR B 233 -9.23 31.98 -17.28
N SER B 234 -9.15 33.26 -16.92
CA SER B 234 -8.22 34.21 -17.58
C SER B 234 -6.78 33.74 -17.52
N SER B 235 -6.32 33.44 -16.32
CA SER B 235 -4.94 33.02 -16.11
C SER B 235 -4.59 31.80 -16.94
N ILE B 236 -5.43 30.77 -16.85
CA ILE B 236 -5.17 29.52 -17.56
C ILE B 236 -5.23 29.71 -19.07
N GLU B 237 -6.20 30.48 -19.55
CA GLU B 237 -6.27 30.82 -20.98
C GLU B 237 -4.94 31.43 -21.47
N LYS B 238 -4.40 32.37 -20.69
CA LYS B 238 -3.13 33.03 -21.03
C LYS B 238 -1.95 32.06 -20.93
N LEU B 239 -1.95 31.23 -19.89
CA LEU B 239 -0.94 30.20 -19.72
C LEU B 239 -0.91 29.26 -20.92
N MET B 240 -2.10 28.80 -21.31
CA MET B 240 -2.22 27.79 -22.36
C MET B 240 -1.82 28.31 -23.72
N GLU B 241 -2.25 29.52 -24.07
CA GLU B 241 -1.82 30.09 -25.35
C GLU B 241 -0.34 30.52 -25.34
N ALA B 242 0.22 30.81 -24.18
CA ALA B 242 1.67 30.90 -24.04
C ALA B 242 2.37 29.55 -24.34
N LEU B 243 1.82 28.46 -23.82
CA LEU B 243 2.36 27.12 -24.07
C LEU B 243 2.11 26.57 -25.48
N GLY B 244 1.12 27.11 -26.20
CA GLY B 244 0.70 26.54 -27.47
C GLY B 244 -0.36 25.44 -27.37
N ALA B 245 -0.89 25.18 -26.16
CA ALA B 245 -1.94 24.18 -25.98
C ALA B 245 -3.29 24.73 -26.45
N LYS B 246 -4.13 23.86 -26.98
CA LYS B 246 -5.46 24.23 -27.49
C LYS B 246 -6.53 23.57 -26.63
N LYS B 247 -7.68 24.23 -26.51
CA LYS B 247 -8.81 23.68 -25.76
C LYS B 247 -9.47 22.57 -26.58
N ARG B 248 -9.44 21.33 -26.10
CA ARG B 248 -10.03 20.20 -26.84
C ARG B 248 -11.57 20.22 -26.71
N LEU B 249 -12.11 19.59 -25.67
CA LEU B 249 -13.54 19.69 -25.35
C LEU B 249 -13.64 20.23 -23.94
N PHE B 250 -13.10 19.49 -22.98
CA PHE B 250 -13.12 19.86 -21.56
C PHE B 250 -11.75 20.28 -21.00
N ASP B 251 -10.71 20.15 -21.80
CA ASP B 251 -9.35 20.25 -21.30
C ASP B 251 -8.43 20.85 -22.34
N TYR B 252 -7.22 21.14 -21.91
CA TYR B 252 -6.20 21.67 -22.79
C TYR B 252 -5.30 20.54 -23.24
N VAL B 253 -4.96 20.58 -24.53
CA VAL B 253 -4.17 19.51 -25.13
C VAL B 253 -3.04 20.05 -25.99
N VAL B 254 -2.03 19.21 -26.15
CA VAL B 254 -1.01 19.36 -27.18
C VAL B 254 -0.88 18.03 -27.87
N LYS B 255 -0.24 18.04 -29.03
CA LYS B 255 0.16 16.79 -29.65
C LYS B 255 1.18 16.14 -28.73
N CYS B 256 1.04 14.83 -28.54
CA CYS B 256 1.88 14.11 -27.59
C CYS B 256 3.37 14.27 -27.87
N ASN B 257 3.77 14.25 -29.13
CA ASN B 257 5.17 14.44 -29.49
C ASN B 257 5.71 15.82 -29.12
N GLU B 258 4.85 16.84 -29.09
CA GLU B 258 5.23 18.21 -28.72
C GLU B 258 5.42 18.44 -27.24
N GLY B 259 4.91 17.55 -26.39
CA GLY B 259 5.07 17.69 -24.95
C GLY B 259 6.48 18.09 -24.50
N PRO B 260 7.53 17.34 -24.94
CA PRO B 260 8.92 17.69 -24.66
C PRO B 260 9.45 19.04 -25.19
N THR B 261 8.73 19.71 -26.09
CA THR B 261 9.09 21.07 -26.51
C THR B 261 8.54 22.16 -25.59
N LEU B 262 7.54 21.82 -24.77
CA LEU B 262 6.88 22.82 -23.94
C LEU B 262 7.84 23.34 -22.88
N PRO B 263 7.80 24.64 -22.60
CA PRO B 263 8.71 25.18 -21.58
C PRO B 263 8.31 24.75 -20.16
N ASP B 264 9.24 24.89 -19.23
CA ASP B 264 8.96 24.69 -17.82
C ASP B 264 7.97 25.75 -17.35
N ILE B 265 7.16 25.39 -16.36
CA ILE B 265 6.28 26.33 -15.69
C ILE B 265 6.78 26.48 -14.25
N SER B 266 7.08 27.70 -13.84
CA SER B 266 7.61 27.94 -12.51
C SER B 266 6.62 28.73 -11.67
N PHE B 267 6.46 28.31 -10.43
CA PHE B 267 5.59 28.96 -9.46
C PHE B 267 6.51 29.60 -8.42
N HIS B 268 6.44 30.93 -8.32
CA HIS B 268 7.29 31.67 -7.40
C HIS B 268 6.66 31.75 -6.00
N LEU B 269 7.18 30.94 -5.09
CA LEU B 269 6.60 30.77 -3.75
C LEU B 269 7.69 30.94 -2.72
N GLY B 270 7.48 31.85 -1.77
CA GLY B 270 8.44 32.14 -0.69
C GLY B 270 9.84 32.41 -1.16
N GLY B 271 9.99 33.23 -2.20
CA GLY B 271 11.30 33.55 -2.73
C GLY B 271 11.96 32.53 -3.64
N LYS B 272 11.35 31.35 -3.80
CA LYS B 272 11.90 30.23 -4.59
C LYS B 272 11.08 29.99 -5.85
N GLU B 273 11.74 29.47 -6.89
CA GLU B 273 11.04 29.01 -8.10
C GLU B 273 10.75 27.50 -7.99
N TYR B 274 9.47 27.16 -7.96
CA TYR B 274 9.03 25.77 -7.93
C TYR B 274 8.67 25.42 -9.36
N THR B 275 9.53 24.65 -10.00
CA THR B 275 9.46 24.46 -11.45
C THR B 275 8.94 23.07 -11.81
N LEU B 276 7.89 23.03 -12.63
CA LEU B 276 7.44 21.78 -13.25
C LEU B 276 7.87 21.79 -14.71
N THR B 277 8.53 20.71 -15.14
CA THR B 277 8.80 20.50 -16.55
C THR B 277 7.51 19.98 -17.22
N SER B 278 7.54 19.91 -18.54
CA SER B 278 6.42 19.37 -19.30
C SER B 278 6.12 17.91 -18.93
N ALA B 279 7.14 17.14 -18.56
CA ALA B 279 6.95 15.79 -18.04
C ALA B 279 6.12 15.76 -16.75
N ASP B 280 6.17 16.84 -15.97
CA ASP B 280 5.39 16.96 -14.73
C ASP B 280 3.96 17.46 -14.92
N TYR B 281 3.67 18.16 -16.02
CA TYR B 281 2.32 18.72 -16.23
C TYR B 281 1.58 18.24 -17.49
N VAL B 282 2.24 17.46 -18.34
CA VAL B 282 1.57 16.80 -19.46
C VAL B 282 1.39 15.34 -19.09
N PHE B 283 0.20 14.81 -19.31
CA PHE B 283 -0.01 13.38 -19.23
C PHE B 283 0.54 12.80 -20.54
N GLN B 284 1.79 12.34 -20.50
CA GLN B 284 2.47 11.82 -21.70
C GLN B 284 2.15 10.34 -21.84
N GLU B 285 1.03 10.05 -22.49
CA GLU B 285 0.61 8.67 -22.74
C GLU B 285 1.58 8.05 -23.77
N SER B 286 2.08 8.91 -24.67
CA SER B 286 3.16 8.57 -25.58
C SER B 286 3.87 9.85 -26.04
N TYR B 287 4.79 9.71 -26.99
CA TYR B 287 5.33 10.85 -27.73
C TYR B 287 4.83 10.80 -29.18
N SER B 288 3.57 10.40 -29.36
CA SER B 288 3.04 10.19 -30.71
C SER B 288 2.69 11.51 -31.37
N SER B 289 3.13 11.67 -32.60
CA SER B 289 2.69 12.78 -33.45
C SER B 289 1.23 12.63 -33.92
N LYS B 290 0.60 11.48 -33.68
CA LYS B 290 -0.75 11.24 -34.17
C LYS B 290 -1.83 11.30 -33.08
N LYS B 291 -1.42 11.62 -31.86
CA LYS B 291 -2.31 11.60 -30.70
C LYS B 291 -2.21 12.90 -29.92
N LEU B 292 -3.30 13.26 -29.24
CA LEU B 292 -3.35 14.43 -28.39
C LEU B 292 -3.16 14.00 -26.94
N CYS B 293 -2.34 14.76 -26.20
CA CYS B 293 -2.05 14.53 -24.79
C CYS B 293 -2.58 15.69 -23.97
N THR B 294 -3.24 15.40 -22.85
CA THR B 294 -3.87 16.41 -22.02
C THR B 294 -2.87 16.97 -21.01
N LEU B 295 -3.09 18.21 -20.61
CA LEU B 295 -2.31 18.83 -19.54
C LEU B 295 -3.01 18.68 -18.19
N ALA B 296 -2.22 18.50 -17.15
CA ALA B 296 -2.71 18.38 -15.78
C ALA B 296 -2.85 19.77 -15.13
N ILE B 297 -3.41 20.71 -15.90
CA ILE B 297 -3.66 22.08 -15.47
C ILE B 297 -5.02 22.43 -16.08
N HIS B 298 -5.91 23.01 -15.28
CA HIS B 298 -7.28 23.33 -15.67
CA HIS B 298 -7.21 23.41 -15.78
C HIS B 298 -7.68 24.69 -15.10
N ALA B 299 -8.70 25.30 -15.71
CA ALA B 299 -9.30 26.52 -15.18
C ALA B 299 -10.24 26.13 -14.05
N MET B 300 -10.19 26.88 -12.96
CA MET B 300 -11.15 26.72 -11.89
C MET B 300 -11.35 28.09 -11.24
N ASP B 301 -12.51 28.67 -11.46
CA ASP B 301 -12.82 29.98 -10.90
C ASP B 301 -13.42 29.76 -9.54
N ILE B 302 -12.63 30.02 -8.50
CA ILE B 302 -13.07 29.84 -7.13
C ILE B 302 -13.60 31.19 -6.62
N PRO B 303 -14.86 31.24 -6.17
CA PRO B 303 -15.42 32.52 -5.69
C PRO B 303 -14.81 33.02 -4.37
N PRO B 304 -15.05 34.30 -4.02
CA PRO B 304 -14.63 34.78 -2.68
C PRO B 304 -15.35 34.09 -1.52
N PRO B 305 -14.79 34.10 -0.31
CA PRO B 305 -13.52 34.74 0.02
C PRO B 305 -12.24 33.95 -0.36
N THR B 306 -12.35 32.65 -0.62
CA THR B 306 -11.16 31.83 -0.93
C THR B 306 -10.43 32.27 -2.21
N GLY B 307 -11.19 32.56 -3.26
CA GLY B 307 -10.62 33.01 -4.54
C GLY B 307 -11.11 34.39 -4.98
N PRO B 308 -10.71 34.86 -6.17
CA PRO B 308 -9.92 34.09 -7.15
C PRO B 308 -8.57 33.64 -6.63
N THR B 309 -8.19 32.40 -6.96
CA THR B 309 -6.95 31.84 -6.47
C THR B 309 -6.48 30.74 -7.39
N TRP B 310 -5.17 30.57 -7.44
CA TRP B 310 -4.59 29.37 -7.99
C TRP B 310 -4.78 28.29 -6.96
N ALA B 311 -4.73 27.04 -7.43
CA ALA B 311 -4.75 25.90 -6.54
C ALA B 311 -3.71 24.93 -7.03
N LEU B 312 -2.80 24.57 -6.11
CA LEU B 312 -1.74 23.63 -6.38
C LEU B 312 -2.17 22.28 -5.80
N GLY B 313 -2.72 21.45 -6.69
CA GLY B 313 -3.19 20.12 -6.35
C GLY B 313 -2.18 19.05 -6.65
N ALA B 314 -2.69 17.85 -6.99
CA ALA B 314 -1.85 16.67 -7.12
C ALA B 314 -0.70 16.85 -8.12
N THR B 315 -0.97 17.56 -9.21
CA THR B 315 0.08 17.86 -10.20
C THR B 315 1.31 18.48 -9.54
N PHE B 316 1.10 19.42 -8.64
CA PHE B 316 2.19 20.09 -7.95
C PHE B 316 2.80 19.21 -6.86
N ILE B 317 1.95 18.58 -6.06
CA ILE B 317 2.40 17.76 -4.94
C ILE B 317 3.23 16.57 -5.39
N ARG B 318 2.89 16.02 -6.57
CA ARG B 318 3.71 14.97 -7.17
C ARG B 318 5.16 15.35 -7.33
N LYS B 319 5.39 16.60 -7.73
CA LYS B 319 6.73 17.13 -7.90
C LYS B 319 7.32 17.47 -6.54
N PHE B 320 6.51 18.08 -5.66
CA PHE B 320 7.00 18.57 -4.38
C PHE B 320 6.29 17.97 -3.19
N TYR B 321 7.02 17.10 -2.50
CA TYR B 321 6.60 16.56 -1.21
C TYR B 321 6.24 17.75 -0.33
N THR B 322 5.09 17.67 0.33
CA THR B 322 4.49 18.84 0.97
C THR B 322 4.20 18.55 2.43
N GLU B 323 4.66 19.44 3.32
CA GLU B 323 4.39 19.33 4.75
C GLU B 323 3.52 20.50 5.13
N PHE B 324 2.40 20.20 5.77
CA PHE B 324 1.51 21.23 6.29
C PHE B 324 1.76 21.38 7.76
N ASP B 325 2.12 22.60 8.17
CA ASP B 325 2.63 22.87 9.51
C ASP B 325 1.64 23.76 10.26
N ARG B 326 0.87 23.16 11.15
CA ARG B 326 -0.10 23.85 11.99
C ARG B 326 0.50 24.52 13.22
N ARG B 327 1.68 24.10 13.64
CA ARG B 327 2.35 24.81 14.73
C ARG B 327 2.75 26.22 14.30
N ASN B 328 3.12 26.37 13.04
CA ASN B 328 3.65 27.62 12.51
C ASN B 328 2.83 28.26 11.39
N ASN B 329 1.72 27.64 10.98
CA ASN B 329 0.93 28.08 9.80
C ASN B 329 1.80 28.37 8.61
N ARG B 330 2.41 27.31 8.11
CA ARG B 330 3.24 27.39 6.94
C ARG B 330 3.19 26.07 6.23
N ILE B 331 3.65 26.08 4.98
CA ILE B 331 3.66 24.89 4.17
C ILE B 331 5.06 24.71 3.67
N GLY B 332 5.59 23.52 3.85
CA GLY B 332 6.94 23.18 3.43
C GLY B 332 6.91 22.36 2.16
N PHE B 333 7.86 22.63 1.27
CA PHE B 333 8.05 21.84 0.06
C PHE B 333 9.45 21.32 -0.02
N ALA B 334 9.57 20.09 -0.47
CA ALA B 334 10.85 19.52 -0.86
C ALA B 334 10.61 18.69 -2.09
N LEU B 335 11.65 18.54 -2.89
CA LEU B 335 11.58 17.77 -4.12
C LEU B 335 11.23 16.31 -3.79
N ALA B 336 10.14 15.82 -4.37
CA ALA B 336 9.67 14.45 -4.12
C ALA B 336 10.54 13.43 -4.83
N ARG B 337 10.59 12.23 -4.27
CA ARG B 337 11.16 11.05 -4.93
C ARG B 337 10.45 9.77 -4.50
#